data_4H52
#
_entry.id   4H52
#
_cell.length_a   114.698
_cell.length_b   139.704
_cell.length_c   140.070
_cell.angle_alpha   90.00
_cell.angle_beta   90.00
_cell.angle_gamma   90.00
#
_symmetry.space_group_name_H-M   'C 2 2 21'
#
loop_
_entity.id
_entity.type
_entity.pdbx_description
1 polymer Neuraminidase
2 branched 2-acetamido-2-deoxy-beta-D-glucopyranose-(1-4)-2-acetamido-2-deoxy-beta-D-glucopyranose
3 branched alpha-D-mannopyranose-(1-3)-beta-D-mannopyranose-(1-4)-2-acetamido-2-deoxy-beta-D-glucopyranose-(1-4)-2-acetamido-2-deoxy-beta-D-glucopyranose
4 non-polymer 'CALCIUM ION'
5 non-polymer '5-acetamido-3,5-dideoxy-3-fluoro-D-erythro-alpha-L-manno-non-2-ulopyranosonic acid'
6 water water
#
_entity_poly.entity_id   1
_entity_poly.type   'polypeptide(L)'
_entity_poly.pdbx_seq_one_letter_code
;VEYRNWSKPQCQITGFAPFSKDNSIRLSAGGDIWVTREPYVSCDPGKCYQFALGQGTTLDNKHSNDTVHDRIPHRTLLMN
ELGVPFHLGTRQVCIAWSSSSCHDGKAWLHVCITGDDKNATASFIYDGRLVDSIGSWSQNILRTQESECVCINGTCTVVM
TDGSASGRADTRILFIEEGKIVHISPLSGSAQHIEECSCYPRYPGVRCICRDNWKGSNRPVVDINMEDYSIDSSYVCSGL
VGDTPRNDDSSSNSNCRNPNNERGTQGVKGWAFDNGNDLWMGRTISKESRSGYETFKVIGGWSTPNSKSQVNRQVIVDNN
NWSGYSGIFSVEGKSCINRCFYVELIRGRPQETRVWWTSNSIVVFCGTSGTYGTGSWPDGANINFMPI
;
_entity_poly.pdbx_strand_id   A,B
#
loop_
_chem_comp.id
_chem_comp.type
_chem_comp.name
_chem_comp.formula
BMA D-saccharide, beta linking beta-D-mannopyranose 'C6 H12 O6'
CA non-polymer 'CALCIUM ION' 'Ca 2'
FSI D-saccharide, beta linking '5-acetamido-3,5-dideoxy-3-fluoro-D-erythro-alpha-L-manno-non-2-ulopyranosonic acid' 'C11 H18 F N O9'
MAN D-saccharide, alpha linking alpha-D-mannopyranose 'C6 H12 O6'
NAG D-saccharide, beta linking 2-acetamido-2-deoxy-beta-D-glucopyranose 'C8 H15 N O6'
#
# COMPACT_ATOMS: atom_id res chain seq x y z
N VAL A 1 17.72 21.43 7.06
CA VAL A 1 17.23 20.84 5.81
C VAL A 1 17.57 21.72 4.59
N GLU A 2 17.74 21.07 3.45
CA GLU A 2 18.25 21.72 2.24
C GLU A 2 17.17 21.70 1.14
N TYR A 3 17.22 22.66 0.22
CA TYR A 3 16.31 22.64 -0.93
C TYR A 3 16.52 21.41 -1.80
N ARG A 4 15.44 20.84 -2.31
CA ARG A 4 15.52 19.78 -3.31
C ARG A 4 16.04 20.32 -4.64
N ASN A 5 16.89 19.55 -5.31
CA ASN A 5 17.32 19.90 -6.65
C ASN A 5 16.92 18.86 -7.69
N TRP A 6 16.56 17.66 -7.23
CA TRP A 6 16.19 16.56 -8.11
C TRP A 6 17.29 16.24 -9.12
N SER A 7 18.54 16.43 -8.70
CA SER A 7 19.67 16.31 -9.63
C SER A 7 20.24 14.90 -9.61
N LYS A 8 19.38 13.94 -9.94
CA LYS A 8 19.79 12.56 -10.13
C LYS A 8 19.15 12.12 -11.43
N PRO A 9 19.74 11.12 -12.09
CA PRO A 9 19.13 10.60 -13.32
C PRO A 9 17.78 9.95 -13.03
N GLN A 10 16.92 9.89 -14.04
CA GLN A 10 15.65 9.20 -13.89
C GLN A 10 15.86 7.70 -13.75
N CYS A 11 15.16 7.06 -12.82
CA CYS A 11 15.25 5.60 -12.68
C CYS A 11 14.87 4.90 -13.99
N GLN A 12 15.58 3.83 -14.31
CA GLN A 12 15.28 3.07 -15.51
C GLN A 12 14.32 1.94 -15.19
N ILE A 13 13.05 2.11 -15.57
CA ILE A 13 12.01 1.20 -15.11
C ILE A 13 11.59 0.16 -16.13
N THR A 14 10.96 -0.91 -15.63
CA THR A 14 10.48 -2.01 -16.46
C THR A 14 8.96 -2.03 -16.47
N GLY A 15 8.38 -1.10 -15.73
CA GLY A 15 6.94 -1.05 -15.53
C GLY A 15 6.67 -0.51 -14.14
N PHE A 16 5.50 -0.82 -13.58
CA PHE A 16 5.11 -0.22 -12.30
C PHE A 16 4.65 -1.29 -11.31
N ALA A 17 4.85 -1.02 -10.02
CA ALA A 17 4.43 -1.96 -8.99
C ALA A 17 3.41 -1.26 -8.09
N PRO A 18 2.48 -2.02 -7.51
CA PRO A 18 1.47 -1.45 -6.61
C PRO A 18 2.10 -0.75 -5.42
N PHE A 19 1.55 0.40 -5.05
CA PHE A 19 2.11 1.22 -3.99
C PHE A 19 1.09 1.54 -2.90
N SER A 20 -0.12 1.91 -3.29
CA SER A 20 -1.13 2.34 -2.29
C SER A 20 -2.56 2.28 -2.83
N LYS A 21 -3.52 2.11 -1.92
CA LYS A 21 -4.93 2.12 -2.28
C LYS A 21 -5.70 2.59 -1.05
N ASP A 22 -6.70 3.47 -1.21
CA ASP A 22 -7.35 3.96 0.01
C ASP A 22 -8.76 3.43 0.31
N ASN A 23 -9.41 2.80 -0.68
CA ASN A 23 -10.71 2.15 -0.46
C ASN A 23 -11.78 3.08 0.06
N SER A 24 -11.72 4.35 -0.33
N SER A 24 -11.76 4.33 -0.41
CA SER A 24 -12.56 5.39 0.28
CA SER A 24 -12.53 5.40 0.21
C SER A 24 -14.06 5.13 0.21
C SER A 24 -14.02 5.11 0.20
N ILE A 25 -14.52 4.67 -0.95
CA ILE A 25 -15.96 4.55 -1.17
C ILE A 25 -16.51 3.33 -0.42
N ARG A 26 -15.77 2.23 -0.45
CA ARG A 26 -16.14 1.06 0.36
C ARG A 26 -16.28 1.46 1.83
N LEU A 27 -15.33 2.26 2.32
CA LEU A 27 -15.36 2.66 3.72
C LEU A 27 -16.51 3.63 4.02
N SER A 28 -16.87 4.44 3.03
CA SER A 28 -17.91 5.45 3.18
C SER A 28 -19.27 4.84 3.52
N ALA A 29 -19.42 3.54 3.22
CA ALA A 29 -20.66 2.82 3.47
C ALA A 29 -20.74 2.33 4.93
N GLY A 30 -19.68 2.54 5.69
CA GLY A 30 -19.64 2.13 7.08
C GLY A 30 -18.65 2.99 7.86
N GLY A 31 -18.86 4.30 7.81
CA GLY A 31 -17.96 5.24 8.47
C GLY A 31 -18.11 6.60 7.85
N ASP A 32 -17.64 7.65 8.53
CA ASP A 32 -17.79 9.01 8.04
C ASP A 32 -16.56 9.42 7.24
N ILE A 33 -16.73 9.54 5.93
CA ILE A 33 -15.62 9.74 5.01
C ILE A 33 -15.98 10.91 4.10
N TRP A 34 -15.03 11.81 3.87
CA TRP A 34 -15.23 12.95 2.98
C TRP A 34 -15.66 12.59 1.55
N VAL A 35 -16.56 13.39 1.00
CA VAL A 35 -16.80 13.38 -0.45
C VAL A 35 -15.68 14.19 -1.09
N THR A 36 -15.05 13.61 -2.11
CA THR A 36 -13.92 14.24 -2.77
C THR A 36 -13.96 14.06 -4.29
N ARG A 37 -13.09 14.81 -4.98
CA ARG A 37 -12.69 14.52 -6.36
C ARG A 37 -11.36 15.23 -6.59
N GLU A 38 -10.79 15.04 -7.76
CA GLU A 38 -9.49 15.61 -8.12
C GLU A 38 -8.39 15.32 -7.10
N PRO A 39 -8.15 14.04 -6.80
CA PRO A 39 -7.09 13.71 -5.86
C PRO A 39 -5.73 13.80 -6.50
N TYR A 40 -4.69 13.83 -5.66
CA TYR A 40 -3.33 13.63 -6.13
C TYR A 40 -2.41 13.22 -5.01
N VAL A 41 -1.16 12.95 -5.35
CA VAL A 41 -0.17 12.52 -4.37
C VAL A 41 1.08 13.38 -4.50
N SER A 42 1.70 13.71 -3.39
CA SER A 42 2.99 14.40 -3.41
C SER A 42 3.73 14.02 -2.16
N CYS A 43 5.05 13.98 -2.23
CA CYS A 43 5.82 13.51 -1.09
C CYS A 43 6.83 14.54 -0.61
N ASP A 44 6.98 14.67 0.70
CA ASP A 44 8.11 15.42 1.26
C ASP A 44 9.32 14.48 1.21
N PRO A 45 10.53 14.96 1.60
CA PRO A 45 11.69 14.07 1.44
C PRO A 45 11.59 12.75 2.21
N GLY A 46 10.73 12.68 3.21
CA GLY A 46 10.57 11.47 3.99
C GLY A 46 9.38 10.60 3.61
N LYS A 47 8.21 11.21 3.40
CA LYS A 47 7.02 10.40 3.14
C LYS A 47 5.98 11.05 2.25
N CYS A 48 5.04 10.23 1.79
CA CYS A 48 4.06 10.67 0.81
C CYS A 48 2.72 11.03 1.43
N TYR A 49 2.02 11.94 0.78
CA TYR A 49 0.71 12.39 1.23
C TYR A 49 -0.29 12.30 0.10
N GLN A 50 -1.54 12.00 0.47
CA GLN A 50 -2.62 12.07 -0.50
C GLN A 50 -3.43 13.34 -0.29
N PHE A 51 -3.79 13.97 -1.41
CA PHE A 51 -4.54 15.21 -1.41
C PHE A 51 -5.81 14.96 -2.20
N ALA A 52 -6.85 15.74 -1.91
CA ALA A 52 -8.03 15.80 -2.76
C ALA A 52 -8.83 17.03 -2.44
N LEU A 53 -9.73 17.40 -3.34
CA LEU A 53 -10.64 18.52 -3.08
C LEU A 53 -11.93 18.00 -2.46
N GLY A 54 -12.19 18.38 -1.21
CA GLY A 54 -13.41 17.95 -0.55
C GLY A 54 -14.60 18.66 -1.13
N GLN A 55 -15.79 18.18 -0.82
CA GLN A 55 -17.01 18.88 -1.20
C GLN A 55 -17.72 19.44 0.02
N GLY A 56 -16.96 19.62 1.10
CA GLY A 56 -17.51 20.22 2.31
C GLY A 56 -18.52 19.33 3.02
N THR A 57 -18.40 18.02 2.82
CA THR A 57 -19.38 17.09 3.39
C THR A 57 -18.81 15.69 3.40
N THR A 58 -19.38 14.83 4.24
CA THR A 58 -19.08 13.41 4.20
C THR A 58 -20.07 12.79 3.21
N LEU A 59 -19.87 11.51 2.89
CA LEU A 59 -20.72 10.85 1.89
C LEU A 59 -22.08 10.44 2.45
N ASP A 60 -22.08 9.80 3.60
CA ASP A 60 -23.32 9.43 4.28
C ASP A 60 -23.81 10.66 5.04
N ASN A 61 -24.45 11.57 4.32
CA ASN A 61 -24.75 12.92 4.79
C ASN A 61 -25.62 13.50 3.70
N LYS A 62 -26.75 14.11 4.05
CA LYS A 62 -27.64 14.64 3.01
C LYS A 62 -26.97 15.74 2.16
N HIS A 63 -25.94 16.36 2.70
CA HIS A 63 -25.23 17.40 1.94
C HIS A 63 -24.41 16.83 0.79
N SER A 64 -24.33 15.50 0.69
CA SER A 64 -23.60 14.89 -0.41
C SER A 64 -24.26 15.10 -1.78
N ASN A 65 -25.54 15.53 -1.82
CA ASN A 65 -26.15 15.81 -3.13
C ASN A 65 -25.63 17.12 -3.74
N ASP A 66 -24.79 17.82 -2.97
CA ASP A 66 -24.18 19.10 -3.38
C ASP A 66 -23.22 19.00 -4.56
N THR A 67 -22.78 17.81 -4.94
N THR A 67 -22.75 17.82 -4.95
CA THR A 67 -21.80 17.65 -6.00
CA THR A 67 -21.77 17.71 -6.03
C THR A 67 -22.44 17.82 -7.38
C THR A 67 -22.44 17.83 -7.39
N VAL A 68 -23.72 18.19 -7.38
CA VAL A 68 -24.37 18.53 -8.66
C VAL A 68 -23.99 19.95 -9.10
N HIS A 69 -23.51 20.75 -8.15
CA HIS A 69 -23.01 22.10 -8.45
C HIS A 69 -21.51 22.07 -8.65
N ASP A 70 -21.01 23.00 -9.46
CA ASP A 70 -19.58 23.09 -9.71
C ASP A 70 -18.92 24.12 -8.81
N ARG A 71 -17.68 23.85 -8.41
CA ARG A 71 -16.84 24.86 -7.75
C ARG A 71 -17.52 25.60 -6.58
N ILE A 72 -18.11 24.86 -5.66
CA ILE A 72 -18.78 25.49 -4.53
C ILE A 72 -17.76 26.09 -3.56
N PRO A 73 -18.16 27.13 -2.82
CA PRO A 73 -17.20 27.78 -1.91
C PRO A 73 -16.80 26.88 -0.74
N HIS A 74 -17.44 25.73 -0.61
CA HIS A 74 -17.16 24.84 0.51
C HIS A 74 -16.08 23.82 0.21
N ARG A 75 -15.63 23.78 -1.04
CA ARG A 75 -14.54 22.87 -1.40
C ARG A 75 -13.26 23.33 -0.72
N THR A 76 -12.56 22.39 -0.11
CA THR A 76 -11.30 22.67 0.56
C THR A 76 -10.30 21.59 0.20
N LEU A 77 -9.01 21.92 0.24
CA LEU A 77 -7.97 20.94 -0.05
C LEU A 77 -7.69 20.09 1.19
N LEU A 78 -7.84 18.77 1.05
CA LEU A 78 -7.58 17.82 2.14
C LEU A 78 -6.19 17.25 1.96
N MET A 79 -5.53 16.96 3.08
CA MET A 79 -4.18 16.40 3.05
C MET A 79 -4.00 15.41 4.19
N ASN A 80 -3.73 14.15 3.84
CA ASN A 80 -3.43 13.09 4.81
C ASN A 80 -2.16 12.38 4.39
N GLU A 81 -1.53 11.63 5.29
CA GLU A 81 -0.50 10.70 4.85
C GLU A 81 -1.12 9.73 3.86
N LEU A 82 -0.34 9.31 2.87
CA LEU A 82 -0.82 8.40 1.85
C LEU A 82 -1.32 7.12 2.49
N GLY A 83 -2.55 6.73 2.14
CA GLY A 83 -3.12 5.50 2.68
C GLY A 83 -4.04 5.74 3.86
N VAL A 84 -4.00 6.93 4.43
CA VAL A 84 -4.96 7.31 5.48
C VAL A 84 -6.18 7.88 4.78
N PRO A 85 -7.32 7.19 4.86
CA PRO A 85 -8.48 7.69 4.10
C PRO A 85 -8.99 9.00 4.69
N PHE A 86 -9.78 9.73 3.92
CA PHE A 86 -10.22 11.05 4.35
C PHE A 86 -11.35 10.98 5.37
N HIS A 87 -10.95 10.73 6.62
CA HIS A 87 -11.86 10.65 7.77
C HIS A 87 -12.03 12.04 8.39
N LEU A 88 -12.80 12.14 9.47
CA LEU A 88 -13.17 13.45 9.99
C LEU A 88 -12.03 14.21 10.70
N GLY A 89 -10.91 13.54 10.91
CA GLY A 89 -9.75 14.20 11.49
C GLY A 89 -8.82 14.77 10.43
N THR A 90 -9.21 14.66 9.17
CA THR A 90 -8.42 15.16 8.04
C THR A 90 -8.28 16.68 8.07
N ARG A 91 -7.07 17.18 7.88
CA ARG A 91 -6.89 18.64 7.83
C ARG A 91 -7.29 19.23 6.49
N GLN A 92 -8.15 20.26 6.53
CA GLN A 92 -8.45 21.08 5.37
C GLN A 92 -7.39 22.18 5.29
N VAL A 93 -6.52 22.06 4.30
CA VAL A 93 -5.31 22.87 4.18
C VAL A 93 -5.56 24.29 3.71
N CYS A 94 -6.62 24.48 2.92
CA CYS A 94 -6.98 25.79 2.39
C CYS A 94 -8.33 25.65 1.69
N ILE A 95 -8.87 26.78 1.27
CA ILE A 95 -10.13 26.78 0.52
C ILE A 95 -9.74 26.63 -0.95
N ALA A 96 -10.34 25.66 -1.64
CA ALA A 96 -9.91 25.38 -3.00
C ALA A 96 -10.92 24.55 -3.78
N TRP A 97 -11.28 25.02 -4.97
CA TRP A 97 -11.92 24.15 -5.94
C TRP A 97 -11.01 23.79 -7.11
N SER A 98 -9.75 24.22 -7.02
CA SER A 98 -8.69 23.78 -7.92
C SER A 98 -7.40 23.98 -7.13
N SER A 99 -6.44 23.06 -7.25
CA SER A 99 -5.24 23.16 -6.42
C SER A 99 -3.99 22.50 -6.98
N SER A 100 -2.86 22.83 -6.38
CA SER A 100 -1.59 22.15 -6.62
C SER A 100 -0.76 22.26 -5.34
N SER A 101 0.03 21.24 -5.03
CA SER A 101 0.89 21.29 -3.84
C SER A 101 2.25 20.69 -4.13
N CYS A 102 3.27 21.17 -3.43
CA CYS A 102 4.61 20.58 -3.54
C CYS A 102 5.50 21.01 -2.38
N HIS A 103 6.52 20.19 -2.11
CA HIS A 103 7.45 20.44 -1.03
C HIS A 103 8.81 20.80 -1.64
N ASP A 104 9.42 21.90 -1.21
CA ASP A 104 10.67 22.33 -1.82
C ASP A 104 11.90 21.74 -1.14
N GLY A 105 11.68 20.86 -0.18
CA GLY A 105 12.76 20.27 0.59
C GLY A 105 12.78 20.84 1.99
N LYS A 106 12.17 22.01 2.16
CA LYS A 106 12.11 22.69 3.45
C LYS A 106 10.68 22.81 3.97
N ALA A 107 9.75 23.12 3.07
CA ALA A 107 8.36 23.33 3.49
C ALA A 107 7.38 23.08 2.34
N TRP A 108 6.11 22.93 2.69
CA TRP A 108 5.04 22.75 1.69
C TRP A 108 4.55 24.08 1.13
N LEU A 109 4.36 24.10 -0.18
CA LEU A 109 3.62 25.15 -0.88
C LEU A 109 2.27 24.57 -1.31
N HIS A 110 1.21 25.34 -1.09
CA HIS A 110 -0.11 24.97 -1.58
C HIS A 110 -0.62 26.13 -2.42
N VAL A 111 -1.11 25.80 -3.62
CA VAL A 111 -1.76 26.79 -4.47
C VAL A 111 -3.25 26.48 -4.48
N CYS A 112 -4.05 27.41 -3.96
CA CYS A 112 -5.46 27.13 -3.75
C CYS A 112 -6.35 28.18 -4.41
N ILE A 113 -7.22 27.73 -5.32
CA ILE A 113 -8.09 28.64 -6.04
C ILE A 113 -9.54 28.48 -5.61
N THR A 114 -10.21 29.59 -5.33
CA THR A 114 -11.62 29.53 -4.93
C THR A 114 -12.29 30.84 -5.34
N GLY A 115 -13.59 30.96 -5.07
CA GLY A 115 -14.32 32.16 -5.41
C GLY A 115 -15.12 32.06 -6.70
N ASP A 116 -15.61 33.20 -7.17
CA ASP A 116 -16.50 33.28 -8.34
C ASP A 116 -15.81 32.83 -9.63
N ASP A 117 -16.57 32.16 -10.49
CA ASP A 117 -16.04 31.72 -11.80
C ASP A 117 -15.37 32.83 -12.60
N LYS A 118 -16.00 34.01 -12.63
CA LYS A 118 -15.53 35.14 -13.42
C LYS A 118 -14.51 36.01 -12.69
N ASN A 119 -14.20 35.67 -11.44
CA ASN A 119 -13.30 36.52 -10.66
C ASN A 119 -12.70 35.72 -9.50
N ALA A 120 -11.98 34.65 -9.82
CA ALA A 120 -11.45 33.75 -8.78
C ALA A 120 -10.19 34.30 -8.16
N THR A 121 -9.81 33.73 -7.02
CA THR A 121 -8.58 34.11 -6.31
C THR A 121 -7.72 32.87 -6.10
N ALA A 122 -6.46 32.95 -6.48
CA ALA A 122 -5.49 31.90 -6.14
C ALA A 122 -4.69 32.34 -4.91
N SER A 123 -4.69 31.53 -3.84
CA SER A 123 -3.89 31.83 -2.65
C SER A 123 -2.63 30.97 -2.67
N PHE A 124 -1.51 31.55 -2.25
CA PHE A 124 -0.26 30.82 -2.16
C PHE A 124 0.19 30.72 -0.71
N ILE A 125 0.17 29.51 -0.19
CA ILE A 125 0.46 29.26 1.21
C ILE A 125 1.73 28.45 1.33
N TYR A 126 2.70 28.98 2.08
CA TYR A 126 4.00 28.32 2.21
C TYR A 126 4.40 28.26 3.68
N ASP A 127 4.79 27.08 4.14
CA ASP A 127 5.27 26.91 5.51
C ASP A 127 4.20 27.37 6.49
N GLY A 128 2.94 27.12 6.15
CA GLY A 128 1.85 27.37 7.07
C GLY A 128 1.30 28.78 7.09
N ARG A 129 1.72 29.62 6.16
CA ARG A 129 1.20 30.98 6.13
C ARG A 129 0.94 31.47 4.72
N LEU A 130 -0.06 32.33 4.59
CA LEU A 130 -0.37 32.92 3.30
C LEU A 130 0.72 33.92 2.92
N VAL A 131 1.33 33.73 1.75
CA VAL A 131 2.44 34.57 1.34
C VAL A 131 2.05 35.46 0.14
N ASP A 132 1.22 34.95 -0.75
CA ASP A 132 0.83 35.73 -1.92
C ASP A 132 -0.56 35.33 -2.41
N SER A 133 -1.09 36.12 -3.33
CA SER A 133 -2.32 35.80 -4.05
C SER A 133 -2.34 36.48 -5.39
N ILE A 134 -3.09 35.91 -6.32
CA ILE A 134 -3.32 36.55 -7.61
C ILE A 134 -4.76 36.38 -8.04
N GLY A 135 -5.32 37.40 -8.69
CA GLY A 135 -6.68 37.35 -9.17
C GLY A 135 -6.73 36.84 -10.60
N SER A 136 -7.94 36.46 -11.02
CA SER A 136 -8.21 35.97 -12.37
C SER A 136 -7.78 36.99 -13.42
N TRP A 137 -7.06 36.53 -14.45
CA TRP A 137 -6.61 37.42 -15.52
C TRP A 137 -7.47 37.39 -16.80
N SER A 138 -8.34 36.39 -16.90
CA SER A 138 -9.20 36.27 -18.09
C SER A 138 -10.66 36.13 -17.72
N GLN A 139 -10.94 36.19 -16.41
CA GLN A 139 -12.30 36.19 -15.92
C GLN A 139 -13.11 34.98 -16.37
N ASN A 140 -12.47 33.82 -16.40
CA ASN A 140 -13.16 32.61 -16.83
C ASN A 140 -12.53 31.36 -16.23
N ILE A 141 -12.80 31.15 -14.93
CA ILE A 141 -12.37 29.96 -14.18
C ILE A 141 -10.85 29.79 -14.15
N LEU A 142 -10.18 30.67 -13.40
CA LEU A 142 -8.77 30.51 -13.11
C LEU A 142 -8.59 29.09 -12.53
N ARG A 143 -7.61 28.34 -13.04
CA ARG A 143 -7.50 26.95 -12.65
C ARG A 143 -6.09 26.40 -12.79
N THR A 144 -5.79 25.32 -12.07
CA THR A 144 -4.42 24.84 -12.07
C THR A 144 -4.30 23.32 -12.22
N GLN A 145 -3.20 22.74 -11.74
CA GLN A 145 -2.79 21.39 -12.15
C GLN A 145 -3.64 20.22 -11.66
N GLU A 146 -4.15 20.30 -10.42
CA GLU A 146 -4.76 19.17 -9.71
C GLU A 146 -3.77 18.01 -9.54
N SER A 147 -2.49 18.34 -9.51
CA SER A 147 -1.44 17.41 -9.11
C SER A 147 -0.23 18.21 -8.63
N GLU A 148 0.85 17.51 -8.28
CA GLU A 148 1.96 18.19 -7.62
C GLU A 148 2.67 19.19 -8.51
N CYS A 149 3.01 20.33 -7.93
CA CYS A 149 3.93 21.25 -8.59
C CYS A 149 5.34 20.74 -8.35
N VAL A 150 6.35 21.44 -8.88
CA VAL A 150 7.72 20.95 -8.81
C VAL A 150 8.67 22.09 -8.43
N CYS A 151 9.57 21.83 -7.49
CA CYS A 151 10.52 22.83 -7.01
C CYS A 151 11.96 22.41 -7.25
N ILE A 152 12.78 23.33 -7.76
CA ILE A 152 14.21 23.09 -7.86
C ILE A 152 14.97 24.25 -7.24
N ASN A 153 15.85 23.93 -6.28
CA ASN A 153 16.67 24.95 -5.61
C ASN A 153 15.85 26.09 -5.03
N GLY A 154 14.68 25.77 -4.48
CA GLY A 154 13.88 26.77 -3.80
C GLY A 154 12.92 27.55 -4.68
N THR A 155 12.93 27.26 -5.97
CA THR A 155 11.93 27.85 -6.87
C THR A 155 10.95 26.78 -7.30
N CYS A 156 9.68 27.01 -7.01
CA CYS A 156 8.61 26.09 -7.38
C CYS A 156 7.88 26.65 -8.59
N THR A 157 7.52 25.78 -9.52
CA THR A 157 6.78 26.24 -10.68
C THR A 157 5.43 25.57 -10.75
N VAL A 158 4.44 26.30 -11.24
CA VAL A 158 3.09 25.77 -11.38
C VAL A 158 2.45 26.36 -12.63
N VAL A 159 1.68 25.54 -13.34
CA VAL A 159 1.03 25.96 -14.57
C VAL A 159 -0.43 26.27 -14.26
N MET A 160 -0.90 27.44 -14.71
CA MET A 160 -2.26 27.88 -14.46
C MET A 160 -2.91 28.39 -15.75
N THR A 161 -4.22 28.18 -15.86
CA THR A 161 -4.95 28.61 -17.06
C THR A 161 -6.18 29.43 -16.67
N ASP A 162 -6.52 30.41 -17.49
CA ASP A 162 -7.75 31.17 -17.29
C ASP A 162 -8.31 31.42 -18.69
N GLY A 163 -9.61 31.24 -18.85
CA GLY A 163 -10.23 31.38 -20.16
C GLY A 163 -11.00 30.16 -20.59
N SER A 164 -11.38 30.15 -21.87
CA SER A 164 -12.32 29.16 -22.38
C SER A 164 -11.87 27.72 -22.19
N ALA A 165 -12.82 26.82 -21.94
CA ALA A 165 -12.52 25.39 -21.85
C ALA A 165 -12.61 24.75 -23.23
N SER A 166 -13.09 25.50 -24.22
CA SER A 166 -13.37 24.94 -25.55
C SER A 166 -12.86 25.85 -26.67
N GLY A 167 -11.77 26.54 -26.41
CA GLY A 167 -11.24 27.50 -27.36
C GLY A 167 -9.96 28.07 -26.79
N ARG A 168 -9.35 29.01 -27.49
CA ARG A 168 -8.08 29.57 -27.03
C ARG A 168 -8.24 30.18 -25.64
N ALA A 169 -7.27 29.90 -24.77
CA ALA A 169 -7.28 30.39 -23.39
C ALA A 169 -5.94 31.03 -23.02
N ASP A 170 -5.82 31.49 -21.78
CA ASP A 170 -4.62 32.22 -21.35
C ASP A 170 -3.87 31.41 -20.29
N THR A 171 -2.83 30.70 -20.71
CA THR A 171 -2.06 29.86 -19.82
C THR A 171 -0.77 30.56 -19.41
N ARG A 172 -0.46 30.51 -18.11
CA ARG A 172 0.72 31.16 -17.59
C ARG A 172 1.47 30.24 -16.65
N ILE A 173 2.79 30.42 -16.59
CA ILE A 173 3.62 29.60 -15.74
C ILE A 173 4.23 30.47 -14.66
N LEU A 174 3.94 30.13 -13.42
CA LEU A 174 4.37 30.93 -12.27
C LEU A 174 5.62 30.34 -11.65
N PHE A 175 6.51 31.20 -11.19
CA PHE A 175 7.69 30.77 -10.47
C PHE A 175 7.61 31.37 -9.09
N ILE A 176 7.74 30.52 -8.07
CA ILE A 176 7.37 30.89 -6.70
C ILE A 176 8.49 30.54 -5.74
N GLU A 177 8.92 31.52 -4.94
CA GLU A 177 9.98 31.26 -3.96
C GLU A 177 9.45 31.51 -2.56
N GLU A 178 9.43 30.46 -1.75
CA GLU A 178 8.88 30.55 -0.40
C GLU A 178 7.49 31.19 -0.38
N GLY A 179 6.66 30.81 -1.35
CA GLY A 179 5.29 31.28 -1.40
C GLY A 179 5.08 32.57 -2.16
N LYS A 180 6.18 33.22 -2.52
CA LYS A 180 6.12 34.52 -3.17
C LYS A 180 6.32 34.39 -4.69
N ILE A 181 5.34 34.85 -5.46
CA ILE A 181 5.46 34.83 -6.91
C ILE A 181 6.56 35.80 -7.33
N VAL A 182 7.61 35.28 -7.96
CA VAL A 182 8.73 36.11 -8.37
C VAL A 182 8.78 36.37 -9.89
N HIS A 183 8.09 35.52 -10.65
CA HIS A 183 8.05 35.70 -12.10
C HIS A 183 6.86 34.94 -12.69
N ILE A 184 6.26 35.51 -13.73
CA ILE A 184 5.20 34.83 -14.47
C ILE A 184 5.50 34.84 -15.98
N SER A 185 5.61 33.65 -16.57
CA SER A 185 5.87 33.53 -18.01
C SER A 185 4.63 33.04 -18.73
N PRO A 186 4.29 33.70 -19.85
CA PRO A 186 3.17 33.26 -20.71
C PRO A 186 3.53 31.94 -21.38
N LEU A 187 2.54 31.13 -21.70
CA LEU A 187 2.79 29.93 -22.48
C LEU A 187 3.35 30.34 -23.85
N SER A 188 4.34 29.58 -24.31
CA SER A 188 4.91 29.77 -25.65
C SER A 188 5.07 28.42 -26.31
N GLY A 189 5.25 28.40 -27.63
CA GLY A 189 5.41 27.14 -28.35
C GLY A 189 4.14 26.76 -29.10
N SER A 190 4.01 25.48 -29.44
CA SER A 190 2.92 25.06 -30.32
C SER A 190 1.73 24.40 -29.63
N ALA A 191 1.77 24.22 -28.31
CA ALA A 191 0.58 23.71 -27.62
C ALA A 191 -0.52 24.75 -27.73
N GLN A 192 -1.72 24.33 -28.12
CA GLN A 192 -2.78 25.30 -28.35
C GLN A 192 -3.84 25.39 -27.26
N HIS A 193 -3.84 24.43 -26.34
CA HIS A 193 -4.73 24.49 -25.19
C HIS A 193 -4.11 23.66 -24.08
N ILE A 194 -4.07 24.23 -22.87
CA ILE A 194 -3.38 23.61 -21.73
C ILE A 194 -4.25 23.59 -20.47
N GLU A 195 -4.50 22.39 -19.95
CA GLU A 195 -5.20 22.28 -18.68
C GLU A 195 -4.55 21.16 -17.88
N GLU A 196 -4.63 21.28 -16.56
CA GLU A 196 -4.32 20.18 -15.65
C GLU A 196 -3.00 19.49 -15.93
N CYS A 197 -1.92 20.25 -15.95
CA CYS A 197 -0.61 19.69 -16.25
C CYS A 197 -0.14 18.71 -15.18
N SER A 198 0.39 17.58 -15.63
CA SER A 198 1.11 16.66 -14.76
C SER A 198 2.60 16.89 -14.98
N CYS A 199 3.26 17.50 -14.00
CA CYS A 199 4.62 17.97 -14.16
C CYS A 199 5.61 17.14 -13.35
N TYR A 200 6.83 17.05 -13.85
CA TYR A 200 7.87 16.33 -13.11
C TYR A 200 9.22 17.00 -13.30
N PRO A 201 10.10 16.85 -12.30
CA PRO A 201 11.46 17.39 -12.46
C PRO A 201 12.23 16.61 -13.52
N ARG A 202 12.85 17.33 -14.44
CA ARG A 202 13.79 16.74 -15.38
C ARG A 202 15.00 17.67 -15.38
N TYR A 203 15.81 17.53 -14.34
CA TYR A 203 16.90 18.47 -14.05
C TYR A 203 17.71 18.78 -15.30
N PRO A 204 18.04 20.06 -15.51
CA PRO A 204 17.83 21.24 -14.66
C PRO A 204 16.45 21.89 -14.81
N GLY A 205 15.53 21.26 -15.54
CA GLY A 205 14.23 21.86 -15.77
C GLY A 205 13.04 21.06 -15.26
N VAL A 206 11.85 21.46 -15.71
CA VAL A 206 10.60 20.81 -15.37
C VAL A 206 9.83 20.50 -16.66
N ARG A 207 9.28 19.29 -16.74
CA ARG A 207 8.48 18.89 -17.91
C ARG A 207 7.06 18.54 -17.48
N CYS A 208 6.08 18.95 -18.28
CA CYS A 208 4.69 18.71 -18.00
C CYS A 208 3.98 18.07 -19.18
N ILE A 209 3.15 17.08 -18.89
CA ILE A 209 2.25 16.50 -19.90
C ILE A 209 0.86 16.89 -19.45
N CYS A 210 0.09 17.51 -20.34
CA CYS A 210 -1.15 18.15 -19.93
C CYS A 210 -2.37 17.64 -20.70
N ARG A 211 -3.46 18.40 -20.62
CA ARG A 211 -4.73 18.08 -21.26
C ARG A 211 -5.13 19.23 -22.19
N ASP A 212 -5.34 18.92 -23.47
CA ASP A 212 -5.83 19.90 -24.42
C ASP A 212 -7.32 19.68 -24.54
N ASN A 213 -8.13 20.65 -24.10
CA ASN A 213 -9.57 20.39 -24.00
C ASN A 213 -10.33 20.88 -25.23
N TRP A 214 -9.58 21.28 -26.24
CA TRP A 214 -10.14 22.05 -27.35
C TRP A 214 -10.05 21.29 -28.68
N LYS A 215 -8.83 21.11 -29.19
CA LYS A 215 -8.68 20.47 -30.49
C LYS A 215 -7.86 19.17 -30.50
N GLY A 216 -7.28 18.78 -29.37
CA GLY A 216 -6.36 17.65 -29.44
C GLY A 216 -6.68 16.47 -28.55
N SER A 217 -6.65 15.25 -29.07
CA SER A 217 -6.72 14.06 -28.23
C SER A 217 -5.30 13.53 -27.97
N ASN A 218 -4.32 14.12 -28.64
CA ASN A 218 -2.93 13.95 -28.22
C ASN A 218 -2.67 14.92 -27.07
N ARG A 219 -1.79 14.56 -26.16
CA ARG A 219 -1.53 15.40 -24.98
C ARG A 219 -0.43 16.42 -25.23
N PRO A 220 -0.68 17.68 -24.86
CA PRO A 220 0.35 18.72 -24.99
C PRO A 220 1.50 18.54 -24.00
N VAL A 221 2.68 19.03 -24.40
CA VAL A 221 3.86 19.01 -23.55
C VAL A 221 4.23 20.45 -23.25
N VAL A 222 4.60 20.75 -22.00
CA VAL A 222 5.14 22.08 -21.67
C VAL A 222 6.49 21.90 -21.01
N ASP A 223 7.51 22.54 -21.59
CA ASP A 223 8.84 22.52 -20.98
C ASP A 223 9.15 23.85 -20.32
N ILE A 224 9.62 23.77 -19.07
CA ILE A 224 9.86 24.94 -18.26
C ILE A 224 11.35 25.07 -17.94
N ASN A 225 11.95 26.17 -18.39
CA ASN A 225 13.34 26.45 -18.05
C ASN A 225 13.39 27.23 -16.74
N MET A 226 13.96 26.61 -15.71
CA MET A 226 13.99 27.20 -14.37
C MET A 226 15.09 28.23 -14.22
N GLU A 227 16.02 28.25 -15.18
CA GLU A 227 17.15 29.17 -15.11
C GLU A 227 16.84 30.54 -15.71
N ASP A 228 16.08 30.57 -16.82
CA ASP A 228 15.73 31.85 -17.44
C ASP A 228 14.22 32.07 -17.60
N TYR A 229 13.43 31.17 -17.03
CA TYR A 229 11.95 31.27 -17.06
C TYR A 229 11.35 31.12 -18.46
N SER A 230 12.14 30.68 -19.44
CA SER A 230 11.59 30.51 -20.77
C SER A 230 10.76 29.25 -20.87
N ILE A 231 9.80 29.28 -21.79
CA ILE A 231 8.80 28.22 -21.94
C ILE A 231 8.81 27.69 -23.37
N ASP A 232 8.68 26.37 -23.53
CA ASP A 232 8.42 25.80 -24.83
C ASP A 232 7.27 24.82 -24.67
N SER A 233 6.62 24.47 -25.76
CA SER A 233 5.52 23.52 -25.72
C SER A 233 5.32 22.84 -27.06
N SER A 234 4.71 21.66 -27.01
CA SER A 234 4.44 20.87 -28.20
C SER A 234 3.42 19.79 -27.82
N TYR A 235 3.40 18.68 -28.55
CA TYR A 235 2.52 17.55 -28.25
C TYR A 235 3.32 16.26 -28.17
N VAL A 236 2.86 15.34 -27.32
CA VAL A 236 3.47 14.02 -27.24
C VAL A 236 3.43 13.37 -28.64
N CYS A 237 4.58 12.85 -29.07
CA CYS A 237 4.74 12.28 -30.41
C CYS A 237 3.91 11.03 -30.67
N SER A 238 3.76 10.22 -29.64
CA SER A 238 3.09 8.92 -29.73
C SER A 238 1.79 8.92 -30.50
N GLY A 239 1.68 7.99 -31.45
CA GLY A 239 0.45 7.80 -32.19
C GLY A 239 -0.57 7.07 -31.36
N LEU A 240 -0.14 6.50 -30.24
CA LEU A 240 -1.07 5.97 -29.25
C LEU A 240 -1.31 7.12 -28.28
N VAL A 241 -2.44 7.81 -28.44
CA VAL A 241 -2.64 9.07 -27.74
C VAL A 241 -3.23 8.85 -26.36
N GLY A 242 -3.06 9.82 -25.48
CA GLY A 242 -3.36 9.62 -24.08
C GLY A 242 -4.65 10.22 -23.55
N ASP A 243 -5.33 11.02 -24.36
CA ASP A 243 -6.53 11.70 -23.90
C ASP A 243 -7.79 10.86 -24.07
N THR A 244 -8.84 11.23 -23.35
CA THR A 244 -10.15 10.62 -23.49
C THR A 244 -11.17 11.75 -23.57
N PRO A 245 -11.94 11.84 -24.68
CA PRO A 245 -12.03 10.92 -25.82
C PRO A 245 -10.86 10.96 -26.78
N ARG A 246 -10.80 9.95 -27.64
CA ARG A 246 -9.75 9.85 -28.65
C ARG A 246 -10.22 8.85 -29.70
N ASN A 247 -9.55 8.83 -30.85
CA ASN A 247 -9.84 7.82 -31.84
C ASN A 247 -9.27 6.47 -31.42
N ASP A 248 -9.76 5.41 -32.02
N ASP A 248 -9.76 5.42 -32.06
CA ASP A 248 -9.16 4.10 -31.81
CA ASP A 248 -9.19 4.08 -31.97
C ASP A 248 -7.71 4.15 -32.28
C ASP A 248 -7.71 4.11 -32.37
N ASP A 249 -6.91 3.20 -31.82
CA ASP A 249 -5.48 3.17 -32.11
C ASP A 249 -5.14 3.07 -33.61
N SER A 250 -6.05 2.49 -34.39
CA SER A 250 -5.78 2.30 -35.82
C SER A 250 -5.95 3.61 -36.59
N SER A 251 -6.65 4.57 -35.99
CA SER A 251 -6.91 5.82 -36.70
C SER A 251 -6.54 7.07 -35.91
N SER A 252 -5.77 6.89 -34.84
CA SER A 252 -5.29 8.04 -34.07
C SER A 252 -3.94 8.52 -34.64
N ASN A 253 -3.67 9.81 -34.49
CA ASN A 253 -2.43 10.39 -34.98
C ASN A 253 -1.89 11.47 -34.06
N SER A 254 -0.57 11.63 -34.06
CA SER A 254 0.07 12.82 -33.50
C SER A 254 1.30 13.15 -34.35
N ASN A 255 1.53 14.44 -34.64
CA ASN A 255 2.73 14.83 -35.37
C ASN A 255 3.79 15.51 -34.47
N CYS A 256 3.57 15.45 -33.16
CA CYS A 256 4.43 16.08 -32.14
C CYS A 256 4.28 17.60 -32.01
N ARG A 257 3.54 18.23 -32.93
CA ARG A 257 3.53 19.69 -32.99
C ARG A 257 2.16 20.36 -32.82
N ASN A 258 1.13 19.76 -33.40
CA ASN A 258 -0.19 20.37 -33.43
C ASN A 258 -1.20 19.46 -32.77
N PRO A 259 -2.31 20.04 -32.27
CA PRO A 259 -3.41 19.16 -31.83
C PRO A 259 -3.94 18.39 -33.03
N ASN A 260 -4.32 17.14 -32.82
CA ASN A 260 -4.61 16.26 -33.95
C ASN A 260 -6.00 16.44 -34.57
N ASN A 261 -6.85 17.22 -33.91
CA ASN A 261 -8.24 17.40 -34.36
C ASN A 261 -9.00 16.07 -34.51
N GLU A 262 -8.71 15.13 -33.62
CA GLU A 262 -9.40 13.86 -33.58
C GLU A 262 -10.11 13.74 -32.24
N ARG A 263 -11.44 13.86 -32.23
CA ARG A 263 -12.24 13.88 -31.00
C ARG A 263 -11.59 14.78 -29.97
N GLY A 264 -11.14 15.93 -30.44
CA GLY A 264 -10.30 16.79 -29.65
C GLY A 264 -11.01 17.48 -28.52
N THR A 265 -12.28 17.81 -28.66
CA THR A 265 -12.93 18.57 -27.58
C THR A 265 -13.15 17.69 -26.34
N GLN A 266 -13.16 18.32 -25.17
CA GLN A 266 -13.24 17.59 -23.91
C GLN A 266 -11.92 16.86 -23.66
N GLY A 267 -11.87 16.07 -22.59
CA GLY A 267 -10.67 15.34 -22.25
C GLY A 267 -10.65 14.91 -20.80
N VAL A 268 -9.48 14.52 -20.32
CA VAL A 268 -9.34 14.07 -18.95
C VAL A 268 -7.89 14.34 -18.53
N LYS A 269 -7.67 14.70 -17.27
CA LYS A 269 -6.30 14.85 -16.79
C LYS A 269 -5.55 13.52 -16.88
N GLY A 270 -4.31 13.59 -17.36
CA GLY A 270 -3.48 12.41 -17.52
C GLY A 270 -2.00 12.71 -17.40
N TRP A 271 -1.16 11.73 -17.73
CA TRP A 271 0.30 11.88 -17.58
C TRP A 271 1.05 11.00 -18.59
N ALA A 272 2.33 11.33 -18.76
CA ALA A 272 3.28 10.50 -19.50
C ALA A 272 4.65 11.01 -19.08
N PHE A 273 5.71 10.26 -19.35
CA PHE A 273 7.06 10.81 -19.19
C PHE A 273 8.01 10.19 -20.21
N ASP A 274 9.04 10.95 -20.57
CA ASP A 274 10.00 10.49 -21.58
C ASP A 274 11.09 9.63 -20.94
N ASN A 275 11.62 8.71 -21.72
CA ASN A 275 12.85 8.04 -21.36
C ASN A 275 13.66 7.89 -22.64
N GLY A 276 14.56 8.82 -22.89
CA GLY A 276 15.27 8.84 -24.16
C GLY A 276 14.27 9.03 -25.28
N ASN A 277 14.27 8.12 -26.24
CA ASN A 277 13.34 8.21 -27.36
C ASN A 277 11.98 7.60 -27.06
N ASP A 278 11.88 6.89 -25.94
CA ASP A 278 10.66 6.15 -25.61
C ASP A 278 9.75 6.93 -24.67
N LEU A 279 8.51 6.46 -24.51
CA LEU A 279 7.53 7.14 -23.67
C LEU A 279 6.85 6.14 -22.75
N TRP A 280 6.76 6.45 -21.45
CA TRP A 280 5.85 5.71 -20.58
C TRP A 280 4.60 6.56 -20.41
N MET A 281 3.42 5.96 -20.53
CA MET A 281 2.18 6.71 -20.42
C MET A 281 1.08 5.83 -19.85
N GLY A 282 0.06 6.49 -19.30
CA GLY A 282 -1.16 5.80 -18.89
C GLY A 282 -2.32 6.42 -19.63
N ARG A 283 -3.45 5.70 -19.68
CA ARG A 283 -4.67 6.25 -20.24
C ARG A 283 -5.84 5.37 -19.85
N THR A 284 -7.06 5.88 -20.01
CA THR A 284 -8.24 5.03 -19.80
C THR A 284 -8.21 3.92 -20.84
N ILE A 285 -8.80 2.79 -20.50
CA ILE A 285 -8.87 1.72 -21.49
C ILE A 285 -9.90 2.05 -22.57
N SER A 286 -11.05 2.54 -22.14
CA SER A 286 -12.06 3.02 -23.06
C SER A 286 -11.59 4.26 -23.80
N LYS A 287 -11.89 4.33 -25.10
CA LYS A 287 -11.50 5.46 -25.92
C LYS A 287 -12.46 6.63 -25.76
N GLU A 288 -13.64 6.40 -25.20
CA GLU A 288 -14.61 7.47 -25.08
C GLU A 288 -15.15 7.73 -23.68
N SER A 289 -14.96 6.77 -22.76
CA SER A 289 -15.44 6.88 -21.39
C SER A 289 -14.30 6.79 -20.40
N ARG A 290 -14.50 7.31 -19.20
CA ARG A 290 -13.50 7.20 -18.15
C ARG A 290 -13.64 5.87 -17.46
N SER A 291 -13.34 4.82 -18.21
N SER A 291 -13.43 4.79 -18.22
CA SER A 291 -13.50 3.45 -17.77
CA SER A 291 -13.60 3.42 -17.77
C SER A 291 -12.17 2.76 -17.96
C SER A 291 -12.26 2.74 -17.97
N GLY A 292 -11.73 2.00 -16.96
CA GLY A 292 -10.48 1.26 -17.07
C GLY A 292 -9.26 2.15 -17.00
N TYR A 293 -8.09 1.54 -16.83
CA TYR A 293 -6.85 2.30 -16.87
C TYR A 293 -5.69 1.36 -17.19
N GLU A 294 -4.86 1.77 -18.13
CA GLU A 294 -3.75 0.95 -18.60
C GLU A 294 -2.49 1.79 -18.69
N THR A 295 -1.34 1.16 -18.53
CA THR A 295 -0.05 1.82 -18.77
C THR A 295 0.75 0.99 -19.74
N PHE A 296 1.67 1.63 -20.44
CA PHE A 296 2.57 0.91 -21.34
C PHE A 296 3.71 1.82 -21.77
N LYS A 297 4.71 1.22 -22.41
CA LYS A 297 5.80 2.00 -22.95
C LYS A 297 5.62 2.03 -24.46
N VAL A 298 5.76 3.21 -25.05
CA VAL A 298 5.72 3.34 -26.50
C VAL A 298 7.14 3.49 -27.02
N ILE A 299 7.56 2.55 -27.86
CA ILE A 299 8.89 2.59 -28.45
C ILE A 299 8.96 3.74 -29.44
N GLY A 300 9.86 4.69 -29.18
CA GLY A 300 9.93 5.89 -30.01
C GLY A 300 8.80 6.85 -29.72
N GLY A 301 8.08 6.62 -28.63
CA GLY A 301 6.92 7.45 -28.33
C GLY A 301 7.25 8.89 -27.98
N TRP A 302 8.49 9.16 -27.61
CA TRP A 302 8.87 10.54 -27.32
C TRP A 302 9.40 11.26 -28.56
N SER A 303 10.12 10.55 -29.41
CA SER A 303 10.90 11.16 -30.48
C SER A 303 10.33 10.93 -31.88
N THR A 304 9.60 9.83 -32.06
CA THR A 304 9.11 9.46 -33.39
C THR A 304 7.64 9.80 -33.56
N PRO A 305 7.34 10.74 -34.46
CA PRO A 305 5.95 11.12 -34.72
C PRO A 305 5.11 9.90 -35.08
N ASN A 306 3.96 9.78 -34.42
CA ASN A 306 2.97 8.77 -34.73
C ASN A 306 3.39 7.32 -34.45
N SER A 307 4.40 7.15 -33.62
CA SER A 307 4.87 5.82 -33.24
C SER A 307 3.78 5.04 -32.52
N LYS A 308 3.59 3.76 -32.88
CA LYS A 308 2.50 2.98 -32.30
C LYS A 308 2.91 1.60 -31.80
N SER A 309 4.21 1.39 -31.64
CA SER A 309 4.69 0.12 -31.10
C SER A 309 4.71 0.20 -29.58
N GLN A 310 3.90 -0.60 -28.91
CA GLN A 310 3.93 -0.60 -27.45
C GLN A 310 4.50 -1.90 -26.91
N VAL A 311 4.92 -1.84 -25.66
CA VAL A 311 5.45 -3.01 -24.95
C VAL A 311 5.25 -2.76 -23.46
N ASN A 312 5.34 -3.83 -22.66
CA ASN A 312 5.22 -3.72 -21.21
C ASN A 312 3.90 -3.12 -20.74
N ARG A 313 2.82 -3.52 -21.38
CA ARG A 313 1.50 -3.06 -20.93
C ARG A 313 1.15 -3.65 -19.58
N GLN A 314 0.48 -2.86 -18.75
CA GLN A 314 -0.14 -3.34 -17.52
C GLN A 314 -1.55 -2.79 -17.39
N VAL A 315 -2.48 -3.66 -17.04
CA VAL A 315 -3.79 -3.21 -16.61
C VAL A 315 -3.72 -2.74 -15.16
N ILE A 316 -4.17 -1.52 -14.90
CA ILE A 316 -4.23 -1.00 -13.52
C ILE A 316 -5.66 -1.17 -13.01
N VAL A 317 -6.63 -0.80 -13.86
CA VAL A 317 -8.05 -0.94 -13.56
C VAL A 317 -8.70 -1.56 -14.78
N ASP A 318 -9.38 -2.68 -14.63
CA ASP A 318 -10.00 -3.31 -15.82
C ASP A 318 -11.15 -2.47 -16.38
N ASN A 319 -11.53 -2.74 -17.62
CA ASN A 319 -12.51 -1.88 -18.30
C ASN A 319 -13.96 -2.06 -17.84
N ASN A 320 -14.17 -2.92 -16.84
CA ASN A 320 -15.49 -3.03 -16.25
C ASN A 320 -15.66 -2.07 -15.09
N ASN A 321 -14.61 -1.28 -14.83
CA ASN A 321 -14.59 -0.40 -13.67
C ASN A 321 -14.23 1.03 -14.03
N TRP A 322 -14.73 1.97 -13.23
CA TRP A 322 -14.58 3.40 -13.53
C TRP A 322 -13.21 3.93 -13.11
N SER A 323 -12.63 4.78 -13.95
CA SER A 323 -11.43 5.49 -13.53
C SER A 323 -11.75 6.98 -13.42
N GLY A 324 -10.94 7.83 -14.04
CA GLY A 324 -11.07 9.27 -13.81
C GLY A 324 -9.74 9.95 -14.07
N TYR A 325 -9.47 11.06 -13.38
CA TYR A 325 -8.20 11.75 -13.54
C TYR A 325 -7.04 10.84 -13.16
N SER A 326 -5.87 11.14 -13.69
CA SER A 326 -4.65 10.47 -13.25
C SER A 326 -3.52 11.47 -13.37
N GLY A 327 -2.46 11.25 -12.61
CA GLY A 327 -1.36 12.21 -12.60
C GLY A 327 -0.08 11.61 -12.11
N ILE A 328 1.02 12.32 -12.36
CA ILE A 328 2.34 11.83 -12.01
C ILE A 328 2.83 12.43 -10.69
N PHE A 329 3.68 11.70 -9.98
CA PHE A 329 4.49 12.32 -8.94
C PHE A 329 5.87 11.70 -8.95
N SER A 330 6.85 12.40 -8.40
CA SER A 330 8.23 11.91 -8.43
C SER A 330 8.78 11.72 -7.01
N VAL A 331 9.58 10.67 -6.86
CA VAL A 331 10.11 10.28 -5.55
C VAL A 331 11.61 10.08 -5.68
N GLU A 332 12.38 10.74 -4.84
CA GLU A 332 13.83 10.64 -4.94
C GLU A 332 14.33 9.37 -4.25
N GLY A 333 15.07 8.54 -4.99
CA GLY A 333 15.71 7.37 -4.41
C GLY A 333 17.18 7.66 -4.11
N LYS A 334 17.89 6.61 -3.70
CA LYS A 334 19.30 6.72 -3.35
C LYS A 334 20.14 7.24 -4.53
N SER A 335 19.86 6.72 -5.72
CA SER A 335 20.70 7.02 -6.87
C SER A 335 19.92 7.56 -8.07
N CYS A 336 18.59 7.53 -8.02
CA CYS A 336 17.78 8.00 -9.14
C CYS A 336 16.44 8.58 -8.70
N ILE A 337 15.81 9.31 -9.61
CA ILE A 337 14.47 9.85 -9.37
C ILE A 337 13.44 8.91 -9.99
N ASN A 338 12.53 8.41 -9.17
CA ASN A 338 11.53 7.47 -9.66
C ASN A 338 10.25 8.21 -10.04
N ARG A 339 9.49 7.66 -10.97
CA ARG A 339 8.22 8.25 -11.36
C ARG A 339 7.10 7.32 -10.88
N CYS A 340 6.05 7.92 -10.30
CA CYS A 340 4.89 7.17 -9.84
C CYS A 340 3.64 7.83 -10.39
N PHE A 341 2.50 7.15 -10.27
CA PHE A 341 1.24 7.79 -10.66
C PHE A 341 0.07 7.34 -9.80
N TYR A 342 -0.98 8.15 -9.77
CA TYR A 342 -2.20 7.78 -9.08
C TYR A 342 -3.31 7.74 -10.13
N VAL A 343 -4.37 6.99 -9.84
CA VAL A 343 -5.58 7.01 -10.65
C VAL A 343 -6.77 7.31 -9.75
N GLU A 344 -7.54 8.33 -10.12
CA GLU A 344 -8.79 8.67 -9.45
C GLU A 344 -9.85 7.68 -9.92
N LEU A 345 -10.56 7.07 -8.97
CA LEU A 345 -11.59 6.10 -9.32
C LEU A 345 -12.94 6.67 -8.95
N ILE A 346 -13.63 7.25 -9.93
CA ILE A 346 -14.82 8.04 -9.66
C ILE A 346 -16.05 7.16 -9.53
N ARG A 347 -16.82 7.33 -8.45
CA ARG A 347 -18.07 6.61 -8.28
C ARG A 347 -19.24 7.57 -8.15
N GLY A 348 -20.44 7.09 -8.47
CA GLY A 348 -21.63 7.92 -8.37
C GLY A 348 -21.94 8.60 -9.69
N ARG A 349 -22.50 9.80 -9.64
CA ARG A 349 -22.93 10.47 -10.85
C ARG A 349 -21.74 11.03 -11.67
N PRO A 350 -21.91 11.15 -12.99
CA PRO A 350 -23.13 10.89 -13.76
C PRO A 350 -23.37 9.44 -14.15
N GLN A 351 -22.37 8.57 -14.03
CA GLN A 351 -22.51 7.20 -14.56
C GLN A 351 -23.44 6.33 -13.74
N GLU A 352 -23.43 6.53 -12.43
CA GLU A 352 -24.18 5.66 -11.52
C GLU A 352 -25.24 6.48 -10.80
N THR A 353 -26.47 6.41 -11.30
CA THR A 353 -27.50 7.36 -10.90
C THR A 353 -28.35 6.90 -9.72
N ARG A 354 -28.03 5.73 -9.17
CA ARG A 354 -28.71 5.23 -7.98
C ARG A 354 -28.50 6.18 -6.81
N VAL A 355 -27.33 6.81 -6.76
CA VAL A 355 -26.99 7.78 -5.71
C VAL A 355 -27.00 9.19 -6.29
N TRP A 356 -27.03 10.21 -5.44
CA TRP A 356 -27.04 11.59 -5.90
C TRP A 356 -25.67 12.21 -5.92
N TRP A 357 -24.73 11.60 -5.21
CA TRP A 357 -23.40 12.14 -5.01
C TRP A 357 -22.41 11.67 -6.05
N THR A 358 -21.25 12.34 -6.08
CA THR A 358 -20.11 11.91 -6.88
C THR A 358 -18.91 11.97 -5.95
N SER A 359 -18.12 10.91 -5.91
CA SER A 359 -16.92 10.92 -5.06
C SER A 359 -15.88 10.03 -5.73
N ASN A 360 -14.78 9.76 -5.04
CA ASN A 360 -13.75 8.91 -5.60
C ASN A 360 -12.90 8.23 -4.54
N SER A 361 -12.24 7.15 -4.95
CA SER A 361 -11.14 6.61 -4.15
C SER A 361 -9.92 6.67 -5.06
N ILE A 362 -8.77 6.19 -4.58
CA ILE A 362 -7.57 6.20 -5.42
C ILE A 362 -6.81 4.89 -5.38
N VAL A 363 -6.03 4.66 -6.42
CA VAL A 363 -5.03 3.60 -6.42
C VAL A 363 -3.73 4.21 -6.93
N VAL A 364 -2.60 3.73 -6.42
CA VAL A 364 -1.31 4.38 -6.68
C VAL A 364 -0.24 3.35 -6.99
N PHE A 365 0.53 3.59 -8.06
CA PHE A 365 1.59 2.69 -8.49
C PHE A 365 2.91 3.46 -8.60
N CYS A 366 4.04 2.78 -8.43
CA CYS A 366 5.35 3.42 -8.60
C CYS A 366 6.24 2.64 -9.56
N GLY A 367 7.10 3.36 -10.27
CA GLY A 367 8.03 2.71 -11.18
C GLY A 367 8.88 1.67 -10.45
N THR A 368 9.25 0.61 -11.16
CA THR A 368 10.11 -0.41 -10.59
C THR A 368 11.14 -0.84 -11.62
N SER A 369 12.32 -1.26 -11.16
N SER A 369 12.32 -1.24 -11.13
CA SER A 369 13.30 -1.83 -12.07
CA SER A 369 13.37 -1.81 -11.96
C SER A 369 13.29 -3.36 -11.93
C SER A 369 13.27 -3.34 -11.94
N GLY A 370 12.43 -3.86 -11.06
CA GLY A 370 12.29 -5.29 -10.87
C GLY A 370 11.23 -5.93 -11.76
N THR A 371 10.57 -6.98 -11.27
CA THR A 371 9.55 -7.66 -12.04
C THR A 371 8.21 -7.61 -11.33
N TYR A 372 7.17 -8.08 -12.00
CA TYR A 372 5.80 -7.94 -11.51
C TYR A 372 4.88 -8.85 -12.32
N GLY A 373 3.63 -8.96 -11.86
CA GLY A 373 2.65 -9.80 -12.52
C GLY A 373 1.49 -8.99 -13.07
N THR A 374 0.27 -9.47 -12.82
CA THR A 374 -0.93 -8.79 -13.33
C THR A 374 -1.98 -8.68 -12.22
N GLY A 375 -2.96 -7.80 -12.46
CA GLY A 375 -4.12 -7.69 -11.59
C GLY A 375 -5.05 -6.58 -12.05
N SER A 376 -5.96 -6.17 -11.17
CA SER A 376 -6.83 -5.04 -11.44
C SER A 376 -7.23 -4.56 -10.08
N TRP A 377 -7.14 -3.25 -9.85
CA TRP A 377 -7.38 -2.69 -8.53
C TRP A 377 -8.39 -1.55 -8.62
N PRO A 378 -9.67 -1.89 -8.83
CA PRO A 378 -10.70 -0.87 -9.02
C PRO A 378 -11.19 -0.33 -7.69
N ASP A 379 -12.15 0.59 -7.72
CA ASP A 379 -12.67 1.15 -6.48
C ASP A 379 -13.24 0.07 -5.56
N GLY A 380 -14.06 -0.81 -6.10
CA GLY A 380 -14.50 -1.98 -5.34
C GLY A 380 -15.78 -1.82 -4.55
N ALA A 381 -16.34 -0.61 -4.51
CA ALA A 381 -17.61 -0.46 -3.79
C ALA A 381 -18.77 -1.04 -4.60
N ASN A 382 -19.75 -1.58 -3.88
CA ASN A 382 -21.00 -2.01 -4.49
C ASN A 382 -21.96 -0.83 -4.41
N ILE A 383 -22.33 -0.29 -5.56
CA ILE A 383 -23.18 0.90 -5.60
C ILE A 383 -24.50 0.68 -4.87
N ASN A 384 -24.97 -0.58 -4.84
CA ASN A 384 -26.23 -0.91 -4.17
C ASN A 384 -26.15 -0.91 -2.66
N PHE A 385 -24.93 -0.90 -2.12
CA PHE A 385 -24.73 -0.84 -0.67
C PHE A 385 -24.60 0.61 -0.16
N MET A 386 -24.53 1.58 -1.07
CA MET A 386 -24.22 2.95 -0.66
C MET A 386 -25.45 3.74 -0.23
N PRO A 387 -25.26 4.65 0.73
CA PRO A 387 -26.29 5.65 1.04
C PRO A 387 -26.49 6.46 -0.23
N ILE A 388 -27.72 6.89 -0.52
CA ILE A 388 -27.95 7.62 -1.77
C ILE A 388 -27.68 9.12 -1.63
N VAL B 1 21.01 7.40 13.56
CA VAL B 1 20.57 6.07 13.98
C VAL B 1 21.38 4.97 13.31
N GLU B 2 21.44 3.82 13.96
CA GLU B 2 22.34 2.75 13.58
C GLU B 2 21.57 1.47 13.27
N TYR B 3 22.09 0.65 12.37
CA TYR B 3 21.44 -0.62 12.07
C TYR B 3 21.37 -1.52 13.29
N ARG B 4 20.26 -2.23 13.45
CA ARG B 4 20.13 -3.27 14.46
C ARG B 4 21.01 -4.46 14.11
N ASN B 5 21.66 -5.03 15.12
CA ASN B 5 22.42 -6.27 14.92
C ASN B 5 21.86 -7.43 15.72
N TRP B 6 21.04 -7.10 16.72
CA TRP B 6 20.45 -8.10 17.62
C TRP B 6 21.53 -8.94 18.31
N SER B 7 22.70 -8.35 18.52
CA SER B 7 23.85 -9.08 19.04
C SER B 7 23.88 -9.07 20.57
N LYS B 8 22.80 -9.57 21.17
CA LYS B 8 22.75 -9.78 22.61
C LYS B 8 22.24 -11.21 22.79
N PRO B 9 22.55 -11.83 23.94
CA PRO B 9 22.03 -13.18 24.20
C PRO B 9 20.51 -13.13 24.33
N GLN B 10 19.87 -14.28 24.15
CA GLN B 10 18.42 -14.37 24.31
C GLN B 10 18.06 -14.33 25.78
N CYS B 11 17.03 -13.56 26.13
CA CYS B 11 16.56 -13.48 27.51
C CYS B 11 16.19 -14.87 28.04
N GLN B 12 16.60 -15.15 29.28
CA GLN B 12 16.26 -16.43 29.88
C GLN B 12 14.92 -16.29 30.59
N ILE B 13 13.87 -16.87 30.01
CA ILE B 13 12.51 -16.65 30.49
C ILE B 13 11.94 -17.80 31.30
N THR B 14 10.91 -17.50 32.08
CA THR B 14 10.22 -18.47 32.92
C THR B 14 8.82 -18.71 32.38
N GLY B 15 8.48 -17.98 31.33
CA GLY B 15 7.15 -18.04 30.75
C GLY B 15 6.84 -16.68 30.16
N PHE B 16 5.55 -16.34 30.06
CA PHE B 16 5.16 -15.11 29.38
C PHE B 16 4.17 -14.30 30.20
N ALA B 17 4.21 -12.98 30.03
CA ALA B 17 3.31 -12.09 30.77
C ALA B 17 2.47 -11.29 29.77
N PRO B 18 1.24 -10.93 30.17
CA PRO B 18 0.33 -10.19 29.28
C PRO B 18 0.94 -8.87 28.83
N PHE B 19 0.79 -8.54 27.55
CA PHE B 19 1.42 -7.35 27.01
C PHE B 19 0.40 -6.42 26.37
N SER B 20 -0.51 -6.97 25.57
CA SER B 20 -1.47 -6.11 24.84
C SER B 20 -2.72 -6.86 24.39
N LYS B 21 -3.83 -6.13 24.24
CA LYS B 21 -5.06 -6.72 23.69
C LYS B 21 -5.82 -5.60 22.98
N ASP B 22 -6.40 -5.86 21.82
CA ASP B 22 -7.04 -4.72 21.13
C ASP B 22 -8.58 -4.69 21.13
N ASN B 23 -9.23 -5.81 21.47
CA ASN B 23 -10.69 -5.83 21.63
C ASN B 23 -11.45 -5.44 20.37
N SER B 24 -10.91 -5.75 19.19
N SER B 24 -10.92 -5.83 19.22
CA SER B 24 -11.41 -5.23 17.93
CA SER B 24 -11.34 -5.29 17.93
C SER B 24 -12.85 -5.54 17.64
C SER B 24 -12.82 -5.55 17.68
N ILE B 25 -13.23 -6.80 17.87
CA ILE B 25 -14.57 -7.26 17.49
C ILE B 25 -15.61 -6.68 18.45
N ARG B 26 -15.29 -6.64 19.74
CA ARG B 26 -16.19 -6.00 20.70
C ARG B 26 -16.45 -4.55 20.30
N LEU B 27 -15.39 -3.85 19.89
CA LEU B 27 -15.52 -2.45 19.53
C LEU B 27 -16.29 -2.27 18.22
N SER B 28 -16.15 -3.24 17.31
CA SER B 28 -16.82 -3.19 16.01
C SER B 28 -18.34 -3.14 16.11
N ALA B 29 -18.87 -3.58 17.25
CA ALA B 29 -20.32 -3.58 17.48
C ALA B 29 -20.82 -2.19 17.89
N GLY B 30 -19.89 -1.26 18.06
CA GLY B 30 -20.23 0.09 18.46
C GLY B 30 -19.17 1.08 18.04
N GLY B 31 -18.87 1.09 16.75
CA GLY B 31 -17.87 1.99 16.22
C GLY B 31 -17.39 1.46 14.89
N ASP B 32 -16.68 2.28 14.13
CA ASP B 32 -16.26 1.88 12.80
C ASP B 32 -14.85 1.31 12.84
N ILE B 33 -14.75 -0.01 12.66
CA ILE B 33 -13.50 -0.73 12.84
C ILE B 33 -13.25 -1.61 11.63
N TRP B 34 -12.02 -1.62 11.12
CA TRP B 34 -11.66 -2.43 9.96
C TRP B 34 -11.91 -3.93 10.15
N VAL B 35 -12.41 -4.56 9.09
CA VAL B 35 -12.37 -6.01 8.99
C VAL B 35 -10.96 -6.44 8.63
N THR B 36 -10.41 -7.38 9.38
CA THR B 36 -9.02 -7.79 9.18
C THR B 36 -8.85 -9.30 9.32
N ARG B 37 -7.68 -9.78 8.91
CA ARG B 37 -7.16 -11.08 9.32
C ARG B 37 -5.65 -11.06 9.13
N GLU B 38 -4.99 -12.14 9.51
CA GLU B 38 -3.53 -12.25 9.41
C GLU B 38 -2.79 -11.08 10.09
N PRO B 39 -3.07 -10.86 11.38
CA PRO B 39 -2.37 -9.77 12.04
C PRO B 39 -0.97 -10.16 12.47
N TYR B 40 -0.14 -9.19 12.81
CA TYR B 40 1.13 -9.46 13.48
C TYR B 40 1.64 -8.23 14.22
N VAL B 41 2.76 -8.39 14.92
CA VAL B 41 3.35 -7.29 15.69
C VAL B 41 4.82 -7.16 15.32
N SER B 42 5.30 -5.92 15.24
CA SER B 42 6.72 -5.68 15.02
C SER B 42 7.07 -4.36 15.66
N CYS B 43 8.27 -4.23 16.19
CA CYS B 43 8.62 -3.01 16.91
C CYS B 43 9.84 -2.32 16.32
N ASP B 44 9.80 -0.99 16.22
CA ASP B 44 11.00 -0.21 15.94
C ASP B 44 11.80 -0.13 17.26
N PRO B 45 13.00 0.47 17.25
CA PRO B 45 13.77 0.43 18.51
C PRO B 45 13.09 1.13 19.67
N GLY B 46 12.08 1.95 19.40
CA GLY B 46 11.36 2.65 20.46
C GLY B 46 10.04 2.02 20.87
N LYS B 47 9.21 1.63 19.90
CA LYS B 47 7.90 1.09 20.24
C LYS B 47 7.33 0.11 19.24
N CYS B 48 6.28 -0.58 19.68
CA CYS B 48 5.70 -1.66 18.90
C CYS B 48 4.48 -1.23 18.11
N TYR B 49 4.27 -1.92 16.99
CA TYR B 49 3.14 -1.63 16.12
C TYR B 49 2.37 -2.91 15.86
N GLN B 50 1.05 -2.78 15.72
CA GLN B 50 0.25 -3.90 15.25
C GLN B 50 -0.09 -3.72 13.78
N PHE B 51 -0.03 -4.84 13.06
CA PHE B 51 -0.29 -4.88 11.63
C PHE B 51 -1.41 -5.87 11.38
N ALA B 52 -2.15 -5.68 10.30
CA ALA B 52 -3.07 -6.72 9.82
C ALA B 52 -3.43 -6.47 8.37
N LEU B 53 -3.96 -7.49 7.70
CA LEU B 53 -4.46 -7.29 6.35
C LEU B 53 -5.94 -6.90 6.38
N GLY B 54 -6.23 -5.67 5.96
CA GLY B 54 -7.62 -5.22 5.92
C GLY B 54 -8.36 -5.94 4.81
N GLN B 55 -9.69 -5.84 4.83
CA GLN B 55 -10.50 -6.39 3.74
C GLN B 55 -11.18 -5.26 2.99
N GLY B 56 -10.62 -4.06 3.08
CA GLY B 56 -11.14 -2.93 2.33
C GLY B 56 -12.48 -2.44 2.83
N THR B 57 -12.78 -2.70 4.09
CA THR B 57 -14.10 -2.38 4.62
C THR B 57 -14.08 -2.40 6.14
N THR B 58 -15.02 -1.69 6.75
CA THR B 58 -15.25 -1.82 8.19
C THR B 58 -16.21 -2.98 8.41
N LEU B 59 -16.45 -3.35 9.68
CA LEU B 59 -17.27 -4.52 9.96
C LEU B 59 -18.76 -4.21 9.88
N ASP B 60 -19.17 -3.08 10.48
CA ASP B 60 -20.57 -2.66 10.40
C ASP B 60 -20.74 -1.91 9.09
N ASN B 61 -20.87 -2.67 8.01
CA ASN B 61 -20.75 -2.16 6.65
C ASN B 61 -21.16 -3.33 5.78
N LYS B 62 -22.06 -3.12 4.81
CA LYS B 62 -22.49 -4.25 3.98
C LYS B 62 -21.35 -4.91 3.19
N HIS B 63 -20.26 -4.17 2.97
CA HIS B 63 -19.12 -4.74 2.27
C HIS B 63 -18.37 -5.80 3.07
N SER B 64 -18.72 -5.96 4.34
CA SER B 64 -18.07 -6.97 5.17
C SER B 64 -18.36 -8.39 4.69
N ASN B 65 -19.34 -8.58 3.81
CA ASN B 65 -19.60 -9.93 3.30
C ASN B 65 -18.54 -10.33 2.25
N ASP B 66 -17.66 -9.40 1.90
CA ASP B 66 -16.59 -9.64 0.93
C ASP B 66 -15.53 -10.67 1.35
N THR B 67 -15.49 -10.99 2.64
CA THR B 67 -14.47 -11.91 3.15
C THR B 67 -14.69 -13.35 2.66
N VAL B 68 -15.82 -13.59 2.00
CA VAL B 68 -16.08 -14.91 1.42
C VAL B 68 -15.15 -15.16 0.22
N HIS B 69 -14.63 -14.08 -0.33
CA HIS B 69 -13.66 -14.15 -1.43
C HIS B 69 -12.24 -14.14 -0.91
N ASP B 70 -11.35 -14.87 -1.60
CA ASP B 70 -9.95 -14.92 -1.22
C ASP B 70 -9.13 -13.85 -1.94
N ARG B 71 -8.23 -13.20 -1.20
CA ARG B 71 -7.21 -12.34 -1.81
C ARG B 71 -7.76 -11.25 -2.74
N ILE B 72 -8.72 -10.48 -2.25
CA ILE B 72 -9.29 -9.44 -3.08
C ILE B 72 -8.29 -8.30 -3.28
N PRO B 73 -8.40 -7.56 -4.38
CA PRO B 73 -7.44 -6.48 -4.63
C PRO B 73 -7.59 -5.32 -3.64
N HIS B 74 -8.62 -5.37 -2.79
CA HIS B 74 -8.85 -4.30 -1.84
C HIS B 74 -8.17 -4.50 -0.50
N ARG B 75 -7.59 -5.69 -0.28
CA ARG B 75 -6.81 -5.92 0.94
C ARG B 75 -5.57 -5.03 0.96
N THR B 76 -5.35 -4.39 2.11
CA THR B 76 -4.23 -3.49 2.29
C THR B 76 -3.62 -3.78 3.64
N LEU B 77 -2.34 -3.49 3.78
CA LEU B 77 -1.66 -3.66 5.06
C LEU B 77 -1.91 -2.47 5.96
N LEU B 78 -2.47 -2.73 7.14
CA LEU B 78 -2.77 -1.70 8.14
C LEU B 78 -1.65 -1.69 9.17
N MET B 79 -1.31 -0.51 9.67
CA MET B 79 -0.26 -0.36 10.68
C MET B 79 -0.64 0.73 11.69
N ASN B 80 -0.80 0.36 12.95
CA ASN B 80 -1.07 1.29 14.05
C ASN B 80 -0.08 1.03 15.17
N GLU B 81 0.08 1.97 16.10
CA GLU B 81 0.78 1.63 17.35
C GLU B 81 0.04 0.50 18.03
N LEU B 82 0.78 -0.40 18.68
CA LEU B 82 0.20 -1.55 19.34
C LEU B 82 -0.83 -1.09 20.37
N GLY B 83 -2.04 -1.66 20.28
CA GLY B 83 -3.10 -1.32 21.22
C GLY B 83 -4.06 -0.27 20.71
N VAL B 84 -3.71 0.38 19.60
CA VAL B 84 -4.64 1.28 18.93
C VAL B 84 -5.43 0.43 17.95
N PRO B 85 -6.74 0.27 18.20
CA PRO B 85 -7.50 -0.62 17.30
C PRO B 85 -7.60 -0.04 15.91
N PHE B 86 -7.94 -0.87 14.94
CA PHE B 86 -7.94 -0.42 13.55
C PHE B 86 -9.18 0.41 13.22
N HIS B 87 -9.11 1.68 13.60
CA HIS B 87 -10.18 2.66 13.36
C HIS B 87 -9.97 3.35 12.01
N LEU B 88 -10.86 4.27 11.65
CA LEU B 88 -10.81 4.82 10.30
C LEU B 88 -9.63 5.75 10.00
N GLY B 89 -8.87 6.10 11.03
CA GLY B 89 -7.67 6.91 10.85
C GLY B 89 -6.42 6.08 10.64
N THR B 90 -6.60 4.76 10.62
CA THR B 90 -5.50 3.81 10.38
C THR B 90 -4.88 3.99 8.99
N ARG B 91 -3.55 4.03 8.95
CA ARG B 91 -2.87 4.12 7.66
C ARG B 91 -2.78 2.78 6.95
N GLN B 92 -3.20 2.76 5.69
CA GLN B 92 -3.00 1.60 4.85
C GLN B 92 -1.63 1.76 4.19
N VAL B 93 -0.70 0.91 4.58
CA VAL B 93 0.71 1.05 4.25
C VAL B 93 1.07 0.66 2.81
N CYS B 94 0.32 -0.29 2.25
CA CYS B 94 0.53 -0.75 0.89
C CYS B 94 -0.63 -1.65 0.52
N ILE B 95 -0.69 -2.08 -0.74
CA ILE B 95 -1.70 -3.04 -1.16
C ILE B 95 -1.17 -4.45 -0.90
N ALA B 96 -1.93 -5.27 -0.18
CA ALA B 96 -1.40 -6.56 0.23
C ALA B 96 -2.48 -7.54 0.65
N TRP B 97 -2.46 -8.73 0.04
CA TRP B 97 -3.19 -9.87 0.61
C TRP B 97 -2.26 -10.90 1.25
N SER B 98 -0.97 -10.56 1.30
CA SER B 98 0.03 -11.31 2.07
C SER B 98 1.15 -10.32 2.35
N SER B 99 1.76 -10.37 3.54
CA SER B 99 2.75 -9.36 3.88
C SER B 99 3.75 -9.77 4.96
N SER B 100 4.79 -8.96 5.08
CA SER B 100 5.76 -9.06 6.17
C SER B 100 6.34 -7.66 6.35
N SER B 101 6.67 -7.28 7.59
CA SER B 101 7.27 -5.98 7.86
C SER B 101 8.37 -6.11 8.89
N CYS B 102 9.37 -5.24 8.80
CA CYS B 102 10.40 -5.17 9.82
C CYS B 102 11.19 -3.87 9.75
N HIS B 103 11.80 -3.50 10.86
CA HIS B 103 12.55 -2.27 10.98
C HIS B 103 14.02 -2.65 11.14
N ASP B 104 14.90 -2.04 10.36
CA ASP B 104 16.32 -2.41 10.38
C ASP B 104 17.13 -1.56 11.34
N GLY B 105 16.46 -0.69 12.09
CA GLY B 105 17.13 0.18 13.03
C GLY B 105 17.12 1.61 12.51
N LYS B 106 16.88 1.75 11.21
CA LYS B 106 16.84 3.06 10.57
C LYS B 106 15.48 3.35 9.96
N ALA B 107 14.89 2.36 9.31
CA ALA B 107 13.60 2.56 8.65
C ALA B 107 12.81 1.26 8.53
N TRP B 108 11.52 1.39 8.21
CA TRP B 108 10.65 0.24 8.02
C TRP B 108 10.75 -0.32 6.62
N LEU B 109 10.81 -1.65 6.52
CA LEU B 109 10.64 -2.38 5.27
C LEU B 109 9.27 -3.04 5.30
N HIS B 110 8.53 -2.94 4.21
CA HIS B 110 7.26 -3.65 4.08
C HIS B 110 7.31 -4.47 2.80
N VAL B 111 6.95 -5.75 2.92
CA VAL B 111 6.86 -6.65 1.76
C VAL B 111 5.39 -6.90 1.52
N CYS B 112 4.88 -6.46 0.37
CA CYS B 112 3.46 -6.45 0.13
C CYS B 112 3.12 -7.18 -1.16
N ILE B 113 2.28 -8.21 -1.08
CA ILE B 113 1.93 -9.02 -2.24
C ILE B 113 0.47 -8.86 -2.59
N THR B 114 0.17 -8.63 -3.87
CA THR B 114 -1.21 -8.46 -4.31
C THR B 114 -1.31 -8.87 -5.76
N GLY B 115 -2.51 -8.81 -6.32
CA GLY B 115 -2.72 -9.16 -7.72
C GLY B 115 -3.25 -10.57 -7.93
N ASP B 116 -3.21 -11.03 -9.18
CA ASP B 116 -3.79 -12.32 -9.55
C ASP B 116 -3.07 -13.51 -8.91
N ASP B 117 -3.85 -14.54 -8.57
CA ASP B 117 -3.31 -15.76 -7.99
C ASP B 117 -2.18 -16.34 -8.81
N LYS B 118 -2.34 -16.36 -10.13
CA LYS B 118 -1.37 -16.99 -11.01
C LYS B 118 -0.26 -16.06 -11.46
N ASN B 119 -0.32 -14.80 -11.04
CA ASN B 119 0.68 -13.83 -11.50
C ASN B 119 0.75 -12.66 -10.54
N ALA B 120 1.07 -12.93 -9.28
CA ALA B 120 1.10 -11.89 -8.25
C ALA B 120 2.37 -11.03 -8.31
N THR B 121 2.32 -9.89 -7.64
CA THR B 121 3.47 -9.00 -7.55
C THR B 121 3.78 -8.76 -6.09
N ALA B 122 5.04 -8.94 -5.70
CA ALA B 122 5.50 -8.51 -4.38
C ALA B 122 6.17 -7.13 -4.50
N SER B 123 5.69 -6.14 -3.74
CA SER B 123 6.34 -4.84 -3.71
C SER B 123 7.18 -4.71 -2.45
N PHE B 124 8.34 -4.07 -2.57
CA PHE B 124 9.22 -3.86 -1.43
C PHE B 124 9.34 -2.37 -1.18
N ILE B 125 8.80 -1.93 -0.04
CA ILE B 125 8.74 -0.50 0.29
C ILE B 125 9.63 -0.24 1.49
N TYR B 126 10.56 0.70 1.35
CA TYR B 126 11.53 0.97 2.44
C TYR B 126 11.63 2.46 2.67
N ASP B 127 11.54 2.88 3.92
CA ASP B 127 11.66 4.28 4.29
C ASP B 127 10.68 5.11 3.48
N GLY B 128 9.47 4.58 3.31
CA GLY B 128 8.40 5.34 2.69
C GLY B 128 8.39 5.37 1.17
N ARG B 129 9.22 4.58 0.53
CA ARG B 129 9.22 4.57 -0.94
C ARG B 129 9.41 3.18 -1.53
N LEU B 130 8.82 2.97 -2.70
CA LEU B 130 8.95 1.69 -3.39
C LEU B 130 10.36 1.55 -3.94
N VAL B 131 11.05 0.49 -3.54
CA VAL B 131 12.44 0.31 -3.97
C VAL B 131 12.58 -0.84 -4.98
N ASP B 132 11.77 -1.89 -4.80
CA ASP B 132 11.91 -3.06 -5.67
C ASP B 132 10.59 -3.82 -5.79
N SER B 133 10.54 -4.78 -6.71
CA SER B 133 9.40 -5.67 -6.83
C SER B 133 9.85 -6.96 -7.47
N ILE B 134 9.12 -8.04 -7.21
CA ILE B 134 9.37 -9.28 -7.92
C ILE B 134 8.04 -9.94 -8.27
N GLY B 135 8.00 -10.60 -9.42
CA GLY B 135 6.79 -11.29 -9.84
C GLY B 135 6.82 -12.75 -9.43
N SER B 136 5.66 -13.37 -9.48
CA SER B 136 5.48 -14.79 -9.16
C SER B 136 6.42 -15.68 -9.97
N TRP B 137 7.08 -16.62 -9.30
CA TRP B 137 7.99 -17.53 -9.99
C TRP B 137 7.39 -18.92 -10.28
N SER B 138 6.27 -19.24 -9.65
CA SER B 138 5.63 -20.55 -9.86
C SER B 138 4.18 -20.41 -10.24
N GLN B 139 3.70 -19.18 -10.37
CA GLN B 139 2.36 -18.91 -10.88
C GLN B 139 1.26 -19.56 -10.04
N ASN B 140 1.46 -19.57 -8.72
CA ASN B 140 0.49 -20.19 -7.84
C ASN B 140 0.55 -19.58 -6.45
N ILE B 141 0.01 -18.36 -6.35
CA ILE B 141 -0.13 -17.64 -5.08
C ILE B 141 1.20 -17.41 -4.36
N LEU B 142 2.02 -16.54 -4.95
CA LEU B 142 3.19 -16.01 -4.27
C LEU B 142 2.75 -15.51 -2.90
N ARG B 143 3.46 -15.89 -1.85
CA ARG B 143 3.02 -15.58 -0.49
C ARG B 143 4.17 -15.55 0.51
N THR B 144 3.98 -14.87 1.63
CA THR B 144 5.08 -14.70 2.57
C THR B 144 4.65 -14.91 4.04
N GLN B 145 5.38 -14.30 4.97
CA GLN B 145 5.33 -14.72 6.38
C GLN B 145 4.06 -14.44 7.18
N GLU B 146 3.41 -13.30 6.94
CA GLU B 146 2.33 -12.78 7.80
C GLU B 146 2.81 -12.54 9.23
N SER B 147 4.10 -12.28 9.37
CA SER B 147 4.69 -11.80 10.61
C SER B 147 6.01 -11.11 10.30
N GLU B 148 6.70 -10.63 11.34
CA GLU B 148 7.84 -9.75 11.09
C GLU B 148 9.00 -10.44 10.39
N CYS B 149 9.62 -9.70 9.48
CA CYS B 149 10.89 -10.15 8.92
C CYS B 149 11.98 -9.73 9.91
N VAL B 150 13.24 -10.06 9.60
CA VAL B 150 14.33 -9.82 10.54
C VAL B 150 15.51 -9.21 9.81
N CYS B 151 16.12 -8.19 10.41
CA CYS B 151 17.24 -7.47 9.81
C CYS B 151 18.48 -7.52 10.70
N ILE B 152 19.63 -7.81 10.11
CA ILE B 152 20.90 -7.73 10.83
C ILE B 152 21.90 -6.91 10.02
N ASN B 153 22.43 -5.86 10.63
CA ASN B 153 23.42 -5.00 9.98
C ASN B 153 22.96 -4.45 8.63
N GLY B 154 21.67 -4.11 8.53
CA GLY B 154 21.16 -3.48 7.33
C GLY B 154 20.70 -4.44 6.25
N THR B 155 20.81 -5.75 6.52
CA THR B 155 20.27 -6.75 5.60
C THR B 155 19.06 -7.42 6.24
N CYS B 156 17.92 -7.32 5.57
CA CYS B 156 16.69 -7.94 6.04
C CYS B 156 16.42 -9.20 5.26
N THR B 157 15.91 -10.23 5.92
CA THR B 157 15.59 -11.46 5.23
C THR B 157 14.11 -11.79 5.40
N VAL B 158 13.54 -12.40 4.37
CA VAL B 158 12.13 -12.78 4.39
C VAL B 158 11.95 -14.05 3.57
N VAL B 159 11.08 -14.94 4.04
CA VAL B 159 10.84 -16.22 3.39
C VAL B 159 9.56 -16.13 2.58
N MET B 160 9.62 -16.53 1.31
CA MET B 160 8.45 -16.48 0.44
C MET B 160 8.26 -17.82 -0.25
N THR B 161 7.00 -18.19 -0.47
CA THR B 161 6.69 -19.45 -1.16
C THR B 161 5.77 -19.19 -2.35
N ASP B 162 5.92 -19.98 -3.41
CA ASP B 162 5.05 -19.89 -4.56
C ASP B 162 4.85 -21.33 -5.01
N GLY B 163 3.61 -21.72 -5.32
CA GLY B 163 3.34 -23.09 -5.70
C GLY B 163 2.27 -23.73 -4.84
N SER B 164 2.15 -25.05 -4.95
CA SER B 164 1.03 -25.77 -4.35
C SER B 164 0.90 -25.62 -2.83
N ALA B 165 -0.33 -25.57 -2.35
CA ALA B 165 -0.59 -25.54 -0.91
C ALA B 165 -0.64 -26.96 -0.34
N SER B 166 -0.64 -27.95 -1.24
CA SER B 166 -0.88 -29.34 -0.82
C SER B 166 0.10 -30.30 -1.49
N GLY B 167 1.30 -29.81 -1.75
CA GLY B 167 2.29 -30.59 -2.47
C GLY B 167 3.57 -29.78 -2.55
N ARG B 168 4.58 -30.32 -3.22
CA ARG B 168 5.87 -29.63 -3.28
C ARG B 168 5.74 -28.25 -3.90
N ALA B 169 6.32 -27.25 -3.24
CA ALA B 169 6.25 -25.87 -3.69
C ALA B 169 7.65 -25.29 -3.84
N ASP B 170 7.73 -24.02 -4.23
CA ASP B 170 9.01 -23.37 -4.49
C ASP B 170 9.24 -22.25 -3.47
N THR B 171 10.02 -22.54 -2.44
CA THR B 171 10.30 -21.58 -1.38
C THR B 171 11.66 -20.92 -1.56
N ARG B 172 11.70 -19.59 -1.40
CA ARG B 172 12.93 -18.84 -1.58
C ARG B 172 13.15 -17.88 -0.43
N ILE B 173 14.42 -17.60 -0.12
CA ILE B 173 14.75 -16.69 0.97
C ILE B 173 15.41 -15.47 0.36
N LEU B 174 14.80 -14.31 0.59
CA LEU B 174 15.28 -13.07 -0.01
C LEU B 174 16.13 -12.29 0.97
N PHE B 175 17.15 -11.63 0.46
CA PHE B 175 17.99 -10.77 1.29
C PHE B 175 17.89 -9.37 0.70
N ILE B 176 17.53 -8.41 1.56
CA ILE B 176 17.10 -7.10 1.10
C ILE B 176 17.83 -5.98 1.86
N GLU B 177 18.46 -5.07 1.12
CA GLU B 177 19.17 -3.95 1.76
C GLU B 177 18.54 -2.63 1.34
N GLU B 178 17.98 -1.92 2.31
CA GLU B 178 17.27 -0.67 2.04
C GLU B 178 16.22 -0.83 0.94
N GLY B 179 15.50 -1.94 0.97
CA GLY B 179 14.39 -2.14 0.05
C GLY B 179 14.77 -2.87 -1.23
N LYS B 180 16.08 -3.01 -1.45
CA LYS B 180 16.62 -3.58 -2.68
C LYS B 180 16.96 -5.05 -2.49
N ILE B 181 16.40 -5.93 -3.32
CA ILE B 181 16.76 -7.33 -3.24
C ILE B 181 18.19 -7.50 -3.74
N VAL B 182 19.07 -7.99 -2.88
CA VAL B 182 20.46 -8.16 -3.29
C VAL B 182 20.83 -9.62 -3.53
N HIS B 183 20.04 -10.53 -2.98
CA HIS B 183 20.30 -11.96 -3.17
C HIS B 183 19.05 -12.79 -2.88
N ILE B 184 18.91 -13.90 -3.60
CA ILE B 184 17.83 -14.85 -3.37
C ILE B 184 18.38 -16.26 -3.29
N SER B 185 18.12 -16.94 -2.18
CA SER B 185 18.56 -18.32 -1.99
C SER B 185 17.36 -19.25 -2.00
N PRO B 186 17.47 -20.37 -2.74
CA PRO B 186 16.41 -21.36 -2.68
C PRO B 186 16.43 -22.07 -1.34
N LEU B 187 15.29 -22.60 -0.92
CA LEU B 187 15.25 -23.45 0.26
C LEU B 187 16.13 -24.68 0.05
N SER B 188 16.85 -25.05 1.10
CA SER B 188 17.68 -26.25 1.10
C SER B 188 17.45 -26.95 2.43
N GLY B 189 17.79 -28.23 2.51
CA GLY B 189 17.60 -28.99 3.74
C GLY B 189 16.45 -29.96 3.64
N SER B 190 15.94 -30.42 4.79
CA SER B 190 14.96 -31.50 4.79
C SER B 190 13.51 -31.07 4.96
N ALA B 191 13.26 -29.77 5.18
CA ALA B 191 11.88 -29.30 5.23
C ALA B 191 11.23 -29.49 3.87
N GLN B 192 10.05 -30.10 3.84
CA GLN B 192 9.46 -30.44 2.55
C GLN B 192 8.33 -29.53 2.10
N HIS B 193 7.86 -28.68 3.00
CA HIS B 193 6.85 -27.70 2.66
C HIS B 193 6.92 -26.56 3.67
N ILE B 194 6.97 -25.33 3.15
CA ILE B 194 7.20 -24.14 3.99
C ILE B 194 6.19 -23.04 3.71
N GLU B 195 5.46 -22.64 4.75
CA GLU B 195 4.56 -21.52 4.64
C GLU B 195 4.64 -20.71 5.91
N GLU B 196 4.39 -19.41 5.78
CA GLU B 196 4.15 -18.56 6.93
C GLU B 196 5.18 -18.66 8.06
N CYS B 197 6.44 -18.49 7.73
CA CYS B 197 7.50 -18.59 8.73
C CYS B 197 7.40 -17.52 9.81
N SER B 198 7.58 -17.94 11.05
CA SER B 198 7.74 -17.03 12.17
C SER B 198 9.23 -17.00 12.49
N CYS B 199 9.87 -15.90 12.15
CA CYS B 199 11.32 -15.80 12.18
C CYS B 199 11.80 -14.91 13.30
N TYR B 200 12.97 -15.21 13.83
CA TYR B 200 13.57 -14.37 14.87
C TYR B 200 15.08 -14.30 14.72
N PRO B 201 15.68 -13.18 15.18
CA PRO B 201 17.14 -13.07 15.15
C PRO B 201 17.76 -14.04 16.15
N ARG B 202 18.75 -14.80 15.69
CA ARG B 202 19.54 -15.63 16.58
C ARG B 202 20.97 -15.39 16.15
N TYR B 203 21.51 -14.25 16.57
CA TYR B 203 22.78 -13.74 16.08
C TYR B 203 23.83 -14.83 16.08
N PRO B 204 24.61 -14.95 14.99
CA PRO B 204 24.70 -14.05 13.82
C PRO B 204 23.69 -14.33 12.71
N GLY B 205 22.77 -15.27 12.91
CA GLY B 205 21.82 -15.62 11.87
C GLY B 205 20.36 -15.37 12.20
N VAL B 206 19.48 -15.94 11.38
CA VAL B 206 18.03 -15.84 11.57
C VAL B 206 17.44 -17.25 11.60
N ARG B 207 16.52 -17.49 12.52
CA ARG B 207 15.87 -18.80 12.61
C ARG B 207 14.35 -18.64 12.47
N CYS B 208 13.73 -19.53 11.72
CA CYS B 208 12.29 -19.48 11.47
C CYS B 208 11.63 -20.81 11.81
N ILE B 209 10.47 -20.74 12.44
CA ILE B 209 9.65 -21.92 12.66
C ILE B 209 8.41 -21.69 11.80
N CYS B 210 8.05 -22.67 10.97
CA CYS B 210 7.08 -22.41 9.92
C CYS B 210 5.88 -23.37 9.97
N ARG B 211 5.13 -23.41 8.88
CA ARG B 211 3.96 -24.28 8.76
C ARG B 211 4.18 -25.18 7.53
N ASP B 212 4.08 -26.49 7.72
CA ASP B 212 4.15 -27.43 6.62
C ASP B 212 2.72 -27.81 6.27
N ASN B 213 2.24 -27.39 5.10
CA ASN B 213 0.82 -27.56 4.82
C ASN B 213 0.51 -28.87 4.07
N TRP B 214 1.52 -29.72 3.92
CA TRP B 214 1.43 -30.87 3.02
C TRP B 214 1.47 -32.20 3.76
N LYS B 215 2.61 -32.52 4.40
CA LYS B 215 2.75 -33.82 5.06
C LYS B 215 3.07 -33.80 6.56
N GLY B 216 3.28 -32.63 7.15
CA GLY B 216 3.69 -32.61 8.54
C GLY B 216 2.82 -31.84 9.51
N SER B 217 2.52 -32.44 10.66
CA SER B 217 1.92 -31.68 11.75
C SER B 217 3.00 -31.24 12.73
N ASN B 218 4.22 -31.72 12.52
CA ASN B 218 5.39 -31.12 13.15
C ASN B 218 5.79 -29.89 12.36
N ARG B 219 6.30 -28.86 13.02
CA ARG B 219 6.65 -27.62 12.34
C ARG B 219 8.05 -27.62 11.74
N PRO B 220 8.17 -27.21 10.48
CA PRO B 220 9.50 -27.11 9.88
C PRO B 220 10.30 -25.95 10.45
N VAL B 221 11.62 -26.09 10.36
CA VAL B 221 12.56 -25.08 10.81
C VAL B 221 13.36 -24.65 9.60
N VAL B 222 13.59 -23.34 9.45
CA VAL B 222 14.47 -22.82 8.40
C VAL B 222 15.55 -21.98 9.06
N ASP B 223 16.82 -22.31 8.78
CA ASP B 223 17.94 -21.55 9.32
C ASP B 223 18.60 -20.75 8.21
N ILE B 224 18.80 -19.46 8.46
CA ILE B 224 19.28 -18.52 7.47
C ILE B 224 20.63 -17.95 7.88
N ASN B 225 21.64 -18.19 7.06
CA ASN B 225 22.97 -17.64 7.29
C ASN B 225 23.07 -16.28 6.60
N MET B 226 23.20 -15.22 7.40
CA MET B 226 23.20 -13.86 6.87
C MET B 226 24.56 -13.47 6.31
N GLU B 227 25.57 -14.26 6.63
CA GLU B 227 26.94 -13.98 6.18
C GLU B 227 27.22 -14.52 4.77
N ASP B 228 26.74 -15.72 4.47
CA ASP B 228 26.94 -16.28 3.13
C ASP B 228 25.67 -16.68 2.38
N TYR B 229 24.51 -16.30 2.93
CA TYR B 229 23.20 -16.56 2.30
C TYR B 229 22.82 -18.03 2.23
N SER B 230 23.57 -18.90 2.90
CA SER B 230 23.23 -20.33 2.87
C SER B 230 22.03 -20.62 3.75
N ILE B 231 21.32 -21.68 3.39
CA ILE B 231 20.04 -22.04 4.01
C ILE B 231 20.09 -23.49 4.48
N ASP B 232 19.54 -23.74 5.66
CA ASP B 232 19.32 -25.12 6.10
C ASP B 232 17.89 -25.22 6.60
N SER B 233 17.38 -26.43 6.67
CA SER B 233 16.04 -26.63 7.18
C SER B 233 15.86 -28.04 7.75
N SER B 234 14.89 -28.19 8.62
CA SER B 234 14.60 -29.46 9.28
C SER B 234 13.22 -29.34 9.92
N TYR B 235 12.97 -30.14 10.96
CA TYR B 235 11.70 -30.04 11.70
C TYR B 235 11.96 -29.93 13.20
N VAL B 236 11.04 -29.26 13.90
CA VAL B 236 11.14 -29.17 15.35
C VAL B 236 11.13 -30.59 15.94
N CYS B 237 12.09 -30.86 16.82
CA CYS B 237 12.28 -32.18 17.42
C CYS B 237 11.13 -32.63 18.31
N SER B 238 10.54 -31.69 19.04
CA SER B 238 9.50 -31.99 20.01
C SER B 238 8.42 -32.97 19.52
N GLY B 239 8.14 -33.98 20.34
CA GLY B 239 7.06 -34.90 20.07
C GLY B 239 5.71 -34.29 20.39
N LEU B 240 5.71 -33.19 21.14
CA LEU B 240 4.51 -32.38 21.28
C LEU B 240 4.56 -31.40 20.12
N VAL B 241 3.77 -31.67 19.07
CA VAL B 241 3.89 -30.92 17.83
C VAL B 241 3.02 -29.68 17.81
N GLY B 242 3.37 -28.72 16.97
CA GLY B 242 2.79 -27.39 17.04
C GLY B 242 1.70 -27.05 16.04
N ASP B 243 1.50 -27.89 15.04
CA ASP B 243 0.53 -27.59 13.99
C ASP B 243 -0.89 -28.03 14.34
N THR B 244 -1.87 -27.46 13.64
CA THR B 244 -3.26 -27.89 13.77
C THR B 244 -3.79 -28.05 12.35
N PRO B 245 -4.26 -29.25 11.98
CA PRO B 245 -4.49 -30.45 12.79
C PRO B 245 -3.23 -31.20 13.17
N ARG B 246 -3.38 -32.12 14.11
CA ARG B 246 -2.29 -32.97 14.57
C ARG B 246 -2.89 -34.14 15.34
N ASN B 247 -2.08 -35.17 15.58
CA ASN B 247 -2.49 -36.26 16.46
C ASN B 247 -2.52 -35.80 17.92
N ASP B 248 -3.23 -36.55 18.76
CA ASP B 248 -3.18 -36.27 20.19
C ASP B 248 -1.76 -36.49 20.74
N ASP B 249 -1.52 -36.00 21.95
CA ASP B 249 -0.16 -36.01 22.49
C ASP B 249 0.41 -37.41 22.68
N SER B 250 -0.47 -38.40 22.84
CA SER B 250 -0.03 -39.77 23.08
C SER B 250 0.38 -40.45 21.77
N SER B 251 0.00 -39.87 20.64
CA SER B 251 0.25 -40.51 19.35
C SER B 251 0.95 -39.61 18.34
N SER B 252 1.40 -38.43 18.77
CA SER B 252 2.12 -37.52 17.89
C SER B 252 3.62 -37.85 17.89
N ASN B 253 4.29 -37.55 16.79
CA ASN B 253 5.72 -37.83 16.66
C ASN B 253 6.47 -36.80 15.83
N SER B 254 7.74 -36.61 16.13
CA SER B 254 8.65 -35.90 15.24
C SER B 254 10.06 -36.52 15.34
N ASN B 255 10.75 -36.67 14.21
CA ASN B 255 12.14 -37.15 14.23
C ASN B 255 13.19 -36.07 13.97
N CYS B 256 12.75 -34.80 13.95
CA CYS B 256 13.59 -33.61 13.70
C CYS B 256 13.95 -33.41 12.23
N ARG B 257 13.70 -34.40 11.38
CA ARG B 257 14.20 -34.35 10.00
C ARG B 257 13.13 -34.37 8.92
N ASN B 258 12.07 -35.15 9.12
CA ASN B 258 11.07 -35.37 8.08
C ASN B 258 9.69 -34.95 8.59
N PRO B 259 8.78 -34.61 7.66
CA PRO B 259 7.40 -34.39 8.08
C PRO B 259 6.86 -35.70 8.63
N ASN B 260 6.02 -35.64 9.66
CA ASN B 260 5.62 -36.85 10.37
C ASN B 260 4.52 -37.67 9.71
N ASN B 261 3.90 -37.13 8.67
CA ASN B 261 2.74 -37.77 8.02
C ASN B 261 1.62 -38.12 8.99
N GLU B 262 1.44 -37.29 10.01
CA GLU B 262 0.33 -37.44 10.94
C GLU B 262 -0.59 -36.24 10.77
N ARG B 263 -1.78 -36.46 10.20
CA ARG B 263 -2.70 -35.37 9.87
C ARG B 263 -1.96 -34.18 9.31
N GLY B 264 -1.09 -34.48 8.35
CA GLY B 264 -0.13 -33.51 7.85
C GLY B 264 -0.75 -32.46 6.98
N THR B 265 -1.77 -32.77 6.20
CA THR B 265 -2.31 -31.75 5.29
C THR B 265 -3.03 -30.64 6.08
N GLN B 266 -3.08 -29.43 5.52
CA GLN B 266 -3.69 -28.30 6.21
C GLN B 266 -2.74 -27.80 7.28
N GLY B 267 -3.14 -26.81 8.08
CA GLY B 267 -2.22 -26.31 9.09
C GLY B 267 -2.61 -24.93 9.54
N VAL B 268 -1.78 -24.32 10.37
CA VAL B 268 -2.05 -22.97 10.87
C VAL B 268 -0.70 -22.33 11.12
N LYS B 269 -0.59 -21.02 10.89
CA LYS B 269 0.65 -20.33 11.23
C LYS B 269 0.90 -20.38 12.72
N GLY B 270 2.14 -20.69 13.10
CA GLY B 270 2.51 -20.74 14.50
C GLY B 270 3.97 -20.40 14.73
N TRP B 271 4.48 -20.69 15.93
CA TRP B 271 5.83 -20.27 16.30
C TRP B 271 6.40 -21.19 17.38
N ALA B 272 7.72 -21.14 17.53
CA ALA B 272 8.43 -21.73 18.65
C ALA B 272 9.80 -21.09 18.65
N PHE B 273 10.55 -21.25 19.73
CA PHE B 273 11.96 -20.85 19.71
C PHE B 273 12.81 -21.73 20.62
N ASP B 274 14.08 -21.90 20.26
CA ASP B 274 14.98 -22.75 21.02
C ASP B 274 15.57 -22.00 22.20
N ASN B 275 15.85 -22.72 23.28
CA ASN B 275 16.70 -22.23 24.35
C ASN B 275 17.59 -23.38 24.78
N GLY B 276 18.81 -23.41 24.24
CA GLY B 276 19.69 -24.53 24.49
C GLY B 276 19.06 -25.78 23.89
N ASN B 277 18.88 -26.80 24.72
CA ASN B 277 18.29 -28.05 24.26
C ASN B 277 16.77 -28.01 24.34
N ASP B 278 16.25 -27.00 25.00
CA ASP B 278 14.82 -26.91 25.27
C ASP B 278 14.09 -26.06 24.22
N LEU B 279 12.77 -26.13 24.24
CA LEU B 279 11.94 -25.41 23.27
C LEU B 279 10.78 -24.71 23.95
N TRP B 280 10.57 -23.43 23.64
CA TRP B 280 9.34 -22.76 24.03
C TRP B 280 8.45 -22.75 22.79
N MET B 281 7.17 -23.10 22.95
CA MET B 281 6.26 -23.14 21.80
C MET B 281 4.84 -22.79 22.21
N GLY B 282 4.05 -22.34 21.25
CA GLY B 282 2.63 -22.19 21.46
C GLY B 282 1.91 -23.07 20.47
N ARG B 283 0.64 -23.37 20.74
CA ARG B 283 -0.22 -24.08 19.79
C ARG B 283 -1.66 -23.92 20.22
N THR B 284 -2.58 -24.25 19.31
CA THR B 284 -3.98 -24.31 19.72
C THR B 284 -4.15 -25.40 20.76
N ILE B 285 -5.16 -25.25 21.61
CA ILE B 285 -5.42 -26.30 22.58
C ILE B 285 -6.08 -27.49 21.88
N SER B 286 -7.04 -27.21 21.02
CA SER B 286 -7.66 -28.26 20.24
C SER B 286 -6.69 -28.83 19.21
N LYS B 287 -6.71 -30.15 19.05
CA LYS B 287 -5.85 -30.78 18.05
C LYS B 287 -6.46 -30.76 16.64
N GLU B 288 -7.75 -30.40 16.53
CA GLU B 288 -8.40 -30.42 15.22
C GLU B 288 -8.83 -29.06 14.69
N SER B 289 -9.14 -28.14 15.60
CA SER B 289 -9.64 -26.84 15.19
C SER B 289 -8.85 -25.72 15.83
N ARG B 290 -9.03 -24.52 15.30
CA ARG B 290 -8.35 -23.34 15.81
C ARG B 290 -9.10 -22.79 17.00
N SER B 291 -8.99 -23.54 18.09
CA SER B 291 -9.70 -23.28 19.32
C SER B 291 -8.69 -23.31 20.45
N GLY B 292 -8.74 -22.32 21.33
CA GLY B 292 -7.85 -22.27 22.47
C GLY B 292 -6.43 -21.91 22.07
N TYR B 293 -5.61 -21.56 23.05
CA TYR B 293 -4.19 -21.37 22.78
C TYR B 293 -3.40 -21.56 24.07
N GLU B 294 -2.30 -22.30 23.98
CA GLU B 294 -1.50 -22.63 25.15
C GLU B 294 -0.03 -22.47 24.80
N THR B 295 0.79 -22.16 25.81
CA THR B 295 2.24 -22.13 25.62
C THR B 295 2.88 -23.01 26.68
N PHE B 296 4.06 -23.54 26.38
CA PHE B 296 4.79 -24.35 27.36
C PHE B 296 6.23 -24.53 26.91
N LYS B 297 7.05 -25.01 27.83
CA LYS B 297 8.42 -25.36 27.50
C LYS B 297 8.53 -26.88 27.39
N VAL B 298 9.16 -27.37 26.31
CA VAL B 298 9.39 -28.80 26.18
C VAL B 298 10.85 -29.06 26.53
N ILE B 299 11.09 -29.89 27.55
CA ILE B 299 12.45 -30.21 27.95
C ILE B 299 13.05 -31.10 26.88
N GLY B 300 14.17 -30.66 26.31
CA GLY B 300 14.80 -31.37 25.22
C GLY B 300 14.05 -31.21 23.91
N GLY B 301 13.10 -30.26 23.89
CA GLY B 301 12.27 -30.10 22.72
C GLY B 301 12.99 -29.60 21.48
N TRP B 302 14.18 -29.03 21.67
CA TRP B 302 14.94 -28.59 20.51
C TRP B 302 15.91 -29.67 20.01
N SER B 303 16.51 -30.43 20.93
CA SER B 303 17.61 -31.33 20.58
C SER B 303 17.25 -32.81 20.58
N THR B 304 16.23 -33.18 21.35
CA THR B 304 15.87 -34.59 21.51
C THR B 304 14.66 -34.95 20.68
N PRO B 305 14.84 -35.85 19.69
CA PRO B 305 13.71 -36.32 18.88
C PRO B 305 12.59 -36.88 19.73
N ASN B 306 11.37 -36.45 19.44
CA ASN B 306 10.16 -36.98 20.07
C ASN B 306 10.01 -36.68 21.57
N SER B 307 10.75 -35.69 22.06
CA SER B 307 10.64 -35.33 23.47
C SER B 307 9.24 -34.82 23.81
N LYS B 308 8.69 -35.29 24.93
CA LYS B 308 7.31 -34.93 25.28
C LYS B 308 7.13 -34.46 26.73
N SER B 309 8.24 -34.19 27.41
CA SER B 309 8.11 -33.70 28.78
C SER B 309 7.96 -32.16 28.78
N GLN B 310 6.79 -31.68 29.19
CA GLN B 310 6.58 -30.24 29.23
C GLN B 310 6.54 -29.69 30.64
N VAL B 311 6.75 -28.39 30.74
CA VAL B 311 6.71 -27.69 32.02
C VAL B 311 6.34 -26.24 31.72
N ASN B 312 5.91 -25.50 32.74
CA ASN B 312 5.60 -24.08 32.60
C ASN B 312 4.50 -23.78 31.58
N ARG B 313 3.47 -24.61 31.56
CA ARG B 313 2.33 -24.37 30.68
C ARG B 313 1.57 -23.12 31.14
N GLN B 314 1.08 -22.36 30.16
CA GLN B 314 0.16 -21.25 30.40
C GLN B 314 -0.97 -21.32 29.41
N VAL B 315 -2.20 -21.22 29.89
CA VAL B 315 -3.34 -21.03 28.99
C VAL B 315 -3.36 -19.55 28.58
N ILE B 316 -3.41 -19.28 27.27
CA ILE B 316 -3.51 -17.90 26.79
C ILE B 316 -4.97 -17.61 26.44
N VAL B 317 -5.61 -18.58 25.78
CA VAL B 317 -7.01 -18.52 25.40
C VAL B 317 -7.60 -19.88 25.75
N ASP B 318 -8.64 -19.93 26.58
CA ASP B 318 -9.19 -21.24 26.94
C ASP B 318 -9.86 -21.92 25.74
N ASN B 319 -10.09 -23.24 25.84
CA ASN B 319 -10.56 -24.02 24.70
C ASN B 319 -12.05 -23.82 24.37
N ASN B 320 -12.72 -22.93 25.08
CA ASN B 320 -14.09 -22.58 24.72
C ASN B 320 -14.12 -21.39 23.79
N ASN B 321 -12.94 -20.91 23.40
CA ASN B 321 -12.85 -19.70 22.57
C ASN B 321 -11.97 -19.89 21.35
N TRP B 322 -12.26 -19.14 20.29
CA TRP B 322 -11.56 -19.31 19.03
C TRP B 322 -10.20 -18.65 19.01
N SER B 323 -9.23 -19.27 18.34
CA SER B 323 -7.95 -18.61 18.16
C SER B 323 -7.71 -18.45 16.67
N GLY B 324 -6.52 -18.83 16.20
CA GLY B 324 -6.16 -18.54 14.81
C GLY B 324 -4.66 -18.55 14.62
N TYR B 325 -4.17 -17.76 13.67
CA TYR B 325 -2.74 -17.66 13.46
C TYR B 325 -2.05 -17.16 14.72
N SER B 326 -0.76 -17.46 14.85
CA SER B 326 0.03 -16.88 15.91
C SER B 326 1.44 -16.75 15.38
N GLY B 327 2.22 -15.85 15.97
CA GLY B 327 3.57 -15.64 15.47
C GLY B 327 4.46 -14.97 16.50
N ILE B 328 5.76 -14.97 16.22
CA ILE B 328 6.74 -14.43 17.15
C ILE B 328 7.14 -13.01 16.75
N PHE B 329 7.57 -12.23 17.74
CA PHE B 329 8.35 -11.03 17.45
C PHE B 329 9.40 -10.88 18.53
N SER B 330 10.47 -10.16 18.22
CA SER B 330 11.57 -10.02 19.17
C SER B 330 11.76 -8.57 19.57
N VAL B 331 12.11 -8.36 20.84
CA VAL B 331 12.22 -7.01 21.39
C VAL B 331 13.55 -6.89 22.11
N GLU B 332 14.36 -5.91 21.74
CA GLU B 332 15.65 -5.73 22.38
C GLU B 332 15.54 -5.07 23.74
N GLY B 333 16.15 -5.69 24.75
CA GLY B 333 16.23 -5.11 26.08
C GLY B 333 17.62 -4.59 26.34
N LYS B 334 17.87 -4.15 27.57
CA LYS B 334 19.15 -3.58 27.96
C LYS B 334 20.28 -4.57 27.72
N SER B 335 20.08 -5.81 28.15
CA SER B 335 21.16 -6.81 28.12
C SER B 335 20.84 -8.07 27.32
N CYS B 336 19.57 -8.25 26.94
CA CYS B 336 19.18 -9.47 26.22
C CYS B 336 18.07 -9.19 25.22
N ILE B 337 17.88 -10.14 24.30
CA ILE B 337 16.78 -10.08 23.34
C ILE B 337 15.61 -10.92 23.84
N ASN B 338 14.45 -10.29 23.99
CA ASN B 338 13.28 -10.98 24.47
C ASN B 338 12.44 -11.50 23.30
N ARG B 339 11.71 -12.58 23.54
CA ARG B 339 10.77 -13.11 22.54
C ARG B 339 9.35 -12.87 23.04
N CYS B 340 8.49 -12.44 22.12
CA CYS B 340 7.08 -12.21 22.42
C CYS B 340 6.26 -12.92 21.36
N PHE B 341 4.95 -13.03 21.56
CA PHE B 341 4.09 -13.59 20.51
C PHE B 341 2.70 -12.94 20.52
N TYR B 342 2.02 -13.01 19.38
CA TYR B 342 0.64 -12.56 19.32
C TYR B 342 -0.21 -13.79 18.95
N VAL B 343 -1.49 -13.73 19.29
CA VAL B 343 -2.45 -14.71 18.83
C VAL B 343 -3.59 -13.99 18.14
N GLU B 344 -3.88 -14.41 16.91
CA GLU B 344 -5.05 -13.93 16.17
C GLU B 344 -6.30 -14.63 16.69
N LEU B 345 -7.33 -13.85 17.01
CA LEU B 345 -8.56 -14.41 17.57
C LEU B 345 -9.68 -14.25 16.53
N ILE B 346 -9.94 -15.30 15.77
CA ILE B 346 -10.82 -15.20 14.61
C ILE B 346 -12.28 -15.33 15.01
N ARG B 347 -13.11 -14.38 14.57
CA ARG B 347 -14.54 -14.45 14.79
C ARG B 347 -15.29 -14.45 13.46
N GLY B 348 -16.48 -15.04 13.45
CA GLY B 348 -17.30 -15.08 12.27
C GLY B 348 -17.11 -16.39 11.52
N ARG B 349 -17.19 -16.35 10.19
CA ARG B 349 -17.15 -17.57 9.41
C ARG B 349 -15.73 -18.14 9.32
N PRO B 350 -15.61 -19.46 9.15
CA PRO B 350 -16.68 -20.45 8.94
C PRO B 350 -17.36 -20.97 10.21
N GLN B 351 -16.77 -20.73 11.39
CA GLN B 351 -17.30 -21.33 12.61
C GLN B 351 -18.60 -20.71 13.11
N GLU B 352 -18.77 -19.42 12.89
CA GLU B 352 -19.94 -18.71 13.41
C GLU B 352 -20.74 -18.12 12.25
N THR B 353 -21.78 -18.84 11.86
CA THR B 353 -22.47 -18.57 10.60
C THR B 353 -23.60 -17.55 10.73
N ARG B 354 -23.83 -17.04 11.93
CA ARG B 354 -24.83 -16.00 12.15
C ARG B 354 -24.50 -14.74 11.35
N VAL B 355 -23.21 -14.48 11.19
CA VAL B 355 -22.71 -13.33 10.44
C VAL B 355 -22.13 -13.82 9.10
N TRP B 356 -22.00 -12.92 8.13
CA TRP B 356 -21.41 -13.29 6.86
C TRP B 356 -19.90 -13.08 6.85
N TRP B 357 -19.45 -12.18 7.71
CA TRP B 357 -18.05 -11.73 7.70
C TRP B 357 -17.14 -12.63 8.50
N THR B 358 -15.84 -12.42 8.30
CA THR B 358 -14.80 -13.04 9.11
C THR B 358 -13.86 -11.93 9.49
N SER B 359 -13.49 -11.85 10.78
CA SER B 359 -12.55 -10.83 11.22
C SER B 359 -11.78 -11.36 12.41
N ASN B 360 -10.96 -10.52 13.03
CA ASN B 360 -10.20 -10.96 14.19
C ASN B 360 -9.88 -9.83 15.15
N SER B 361 -9.57 -10.19 16.39
CA SER B 361 -8.86 -9.27 17.28
C SER B 361 -7.54 -9.96 17.65
N ILE B 362 -6.74 -9.34 18.51
CA ILE B 362 -5.48 -9.95 18.92
C ILE B 362 -5.25 -9.88 20.43
N VAL B 363 -4.43 -10.80 20.93
CA VAL B 363 -3.89 -10.69 22.27
C VAL B 363 -2.40 -10.94 22.14
N VAL B 364 -1.60 -10.31 23.00
CA VAL B 364 -0.15 -10.29 22.83
C VAL B 364 0.53 -10.50 24.19
N PHE B 365 1.50 -11.41 24.22
CA PHE B 365 2.27 -11.71 25.44
C PHE B 365 3.76 -11.58 25.16
N CYS B 366 4.52 -11.25 26.21
CA CYS B 366 5.99 -11.14 26.08
C CYS B 366 6.69 -11.99 27.11
N GLY B 367 7.85 -12.52 26.72
CA GLY B 367 8.65 -13.31 27.65
C GLY B 367 8.96 -12.54 28.93
N THR B 368 9.05 -13.27 30.03
CA THR B 368 9.38 -12.66 31.31
C THR B 368 10.35 -13.54 32.08
N SER B 369 11.23 -12.92 32.88
N SER B 369 11.21 -12.89 32.87
CA SER B 369 12.07 -13.70 33.77
CA SER B 369 12.11 -13.58 33.78
C SER B 369 11.51 -13.64 35.19
C SER B 369 11.50 -13.65 35.17
N GLY B 370 10.39 -12.95 35.34
CA GLY B 370 9.72 -12.86 36.63
C GLY B 370 8.71 -13.96 36.86
N THR B 371 7.67 -13.66 37.62
CA THR B 371 6.62 -14.63 37.89
C THR B 371 5.28 -14.13 37.39
N TYR B 372 4.28 -15.01 37.43
CA TYR B 372 2.98 -14.74 36.83
C TYR B 372 1.95 -15.73 37.33
N GLY B 373 0.69 -15.49 37.00
CA GLY B 373 -0.40 -16.34 37.44
C GLY B 373 -1.10 -17.03 36.29
N THR B 374 -2.43 -16.99 36.30
CA THR B 374 -3.22 -17.62 35.24
C THR B 374 -4.34 -16.72 34.76
N GLY B 375 -4.87 -17.03 33.60
CA GLY B 375 -6.07 -16.37 33.10
C GLY B 375 -6.46 -16.92 31.75
N SER B 376 -7.33 -16.20 31.05
CA SER B 376 -7.71 -16.53 29.69
C SER B 376 -8.14 -15.22 29.08
N TRP B 377 -7.63 -14.91 27.89
CA TRP B 377 -7.87 -13.60 27.29
C TRP B 377 -8.38 -13.77 25.86
N PRO B 378 -9.64 -14.20 25.72
CA PRO B 378 -10.19 -14.48 24.39
C PRO B 378 -10.70 -13.21 23.75
N ASP B 379 -11.27 -13.32 22.55
CA ASP B 379 -11.78 -12.16 21.83
C ASP B 379 -12.83 -11.41 22.64
N GLY B 380 -13.81 -12.14 23.15
CA GLY B 380 -14.75 -11.55 24.08
C GLY B 380 -16.03 -10.97 23.50
N ALA B 381 -16.15 -10.95 22.18
CA ALA B 381 -17.38 -10.43 21.59
C ALA B 381 -18.52 -11.45 21.72
N ASN B 382 -19.74 -10.93 21.85
CA ASN B 382 -20.93 -11.76 21.80
C ASN B 382 -21.40 -11.77 20.36
N ILE B 383 -21.33 -12.93 19.70
CA ILE B 383 -21.69 -13.04 18.29
C ILE B 383 -23.13 -12.57 18.02
N ASN B 384 -23.98 -12.69 19.03
CA ASN B 384 -25.38 -12.29 18.88
C ASN B 384 -25.59 -10.77 18.89
N PHE B 385 -24.59 -10.05 19.37
CA PHE B 385 -24.63 -8.58 19.37
C PHE B 385 -24.10 -7.97 18.08
N MET B 386 -23.51 -8.78 17.21
CA MET B 386 -22.82 -8.24 16.05
C MET B 386 -23.76 -7.94 14.88
N PRO B 387 -23.43 -6.90 14.10
CA PRO B 387 -24.03 -6.71 12.78
C PRO B 387 -23.69 -7.93 11.94
N ILE B 388 -24.60 -8.40 11.11
CA ILE B 388 -24.32 -9.60 10.33
C ILE B 388 -23.61 -9.28 9.02
C1 NAG C . -30.33 16.25 -3.14
C2 NAG C . -31.71 16.08 -2.50
C3 NAG C . -32.67 15.40 -3.46
C4 NAG C . -32.70 16.09 -4.81
C5 NAG C . -31.30 16.37 -5.35
C6 NAG C . -31.36 17.31 -6.55
C7 NAG C . -32.50 15.62 -0.21
C8 NAG C . -32.35 14.79 1.04
N2 NAG C . -31.65 15.37 -1.22
O3 NAG C . -33.98 15.42 -2.93
O4 NAG C . -33.39 15.23 -5.71
O5 NAG C . -30.48 16.96 -4.36
O6 NAG C . -30.07 17.53 -7.07
O7 NAG C . -33.38 16.48 -0.24
C1 NAG C . -34.55 15.88 -6.26
C2 NAG C . -34.79 15.30 -7.66
C3 NAG C . -36.09 15.76 -8.28
C4 NAG C . -37.25 15.67 -7.30
C5 NAG C . -36.86 16.33 -5.97
C6 NAG C . -38.00 16.23 -4.95
C7 NAG C . -32.92 14.62 -9.06
C8 NAG C . -31.93 15.02 -10.13
N2 NAG C . -33.67 15.59 -8.54
O3 NAG C . -36.38 14.93 -9.40
O4 NAG C . -38.38 16.32 -7.83
O5 NAG C . -35.70 15.72 -5.44
O6 NAG C . -37.67 15.25 -3.97
O7 NAG C . -33.01 13.44 -8.72
C1 NAG D . -13.15 41.28 -9.31
C2 NAG D . -14.24 42.34 -9.52
C3 NAG D . -13.76 43.74 -9.12
C4 NAG D . -13.10 43.76 -7.74
C5 NAG D . -12.04 42.64 -7.71
C6 NAG D . -11.35 42.53 -6.36
C7 NAG D . -15.92 42.53 -11.28
C8 NAG D . -16.24 42.33 -12.73
N2 NAG D . -14.65 42.34 -10.91
O3 NAG D . -14.84 44.65 -9.16
O4 NAG D . -12.47 45.00 -7.52
O5 NAG D . -12.66 41.40 -7.99
O6 NAG D . -12.29 42.12 -5.39
O7 NAG D . -16.80 42.87 -10.49
C1 NAG D . -12.97 45.71 -6.35
C2 NAG D . -11.99 46.81 -5.98
C3 NAG D . -12.49 47.62 -4.79
C4 NAG D . -13.92 48.11 -4.96
C5 NAG D . -14.80 46.93 -5.40
C6 NAG D . -16.23 47.35 -5.75
C7 NAG D . -9.59 46.43 -6.36
C8 NAG D . -8.32 45.89 -5.77
N2 NAG D . -10.69 46.29 -5.61
O3 NAG D . -11.60 48.70 -4.54
O4 NAG D . -14.33 48.63 -3.71
O5 NAG D . -14.26 46.25 -6.53
O6 NAG D . -16.18 48.25 -6.85
O7 NAG D . -9.60 46.97 -7.47
C1 BMA D . -15.01 49.87 -3.87
C2 BMA D . -16.00 50.00 -2.73
C3 BMA D . -16.79 51.30 -2.86
C4 BMA D . -15.82 52.47 -3.02
C5 BMA D . -14.83 52.17 -4.15
C6 BMA D . -13.79 53.29 -4.24
O2 BMA D . -15.27 50.02 -1.52
O3 BMA D . -17.62 51.46 -1.74
O4 BMA D . -16.58 53.61 -3.34
O5 BMA D . -14.13 50.98 -3.89
O6 BMA D . -13.21 53.27 -5.53
C1 MAN D . -18.96 51.81 -2.13
C2 MAN D . -19.77 52.18 -0.89
C3 MAN D . -20.07 50.93 -0.05
C4 MAN D . -20.70 49.87 -0.93
C5 MAN D . -19.79 49.59 -2.13
C6 MAN D . -20.36 48.52 -3.05
O2 MAN D . -20.98 52.81 -1.26
O3 MAN D . -20.93 51.25 1.03
O4 MAN D . -20.88 48.68 -0.19
O5 MAN D . -19.63 50.80 -2.86
O6 MAN D . -19.40 48.22 -4.04
C1 NAG E . -23.30 -10.56 1.35
C2 NAG E . -24.75 -10.15 1.05
C3 NAG E . -25.71 -11.30 1.35
C4 NAG E . -25.28 -12.61 0.69
C5 NAG E . -23.80 -12.88 0.90
C6 NAG E . -23.36 -14.02 -0.01
C7 NAG E . -26.09 -8.10 1.27
C8 NAG E . -26.59 -7.02 2.20
N2 NAG E . -25.16 -8.93 1.74
O3 NAG E . -27.02 -10.98 0.92
O4 NAG E . -26.04 -13.67 1.22
O5 NAG E . -23.00 -11.74 0.62
O6 NAG E . -21.96 -14.21 0.08
O7 NAG E . -26.57 -8.17 0.14
C1 NAG E . -26.84 -14.32 0.21
C2 NAG E . -27.03 -15.80 0.57
C3 NAG E . -27.99 -16.51 -0.38
C4 NAG E . -29.25 -15.68 -0.59
C5 NAG E . -28.91 -14.24 -0.96
C6 NAG E . -30.14 -13.37 -1.10
C7 NAG E . -25.22 -16.97 1.71
C8 NAG E . -23.99 -17.81 1.57
N2 NAG E . -25.76 -16.49 0.59
O3 NAG E . -28.33 -17.76 0.17
O4 NAG E . -30.03 -16.27 -1.61
O5 NAG E . -28.08 -13.67 0.05
O6 NAG E . -30.46 -12.83 0.17
O7 NAG E . -25.70 -16.75 2.83
C1 NAG F . 2.28 -12.14 -15.91
C2 NAG F . 1.67 -12.41 -17.31
C3 NAG F . 2.52 -11.83 -18.44
C4 NAG F . 2.87 -10.37 -18.18
C5 NAG F . 3.47 -10.25 -16.78
C6 NAG F . 3.80 -8.80 -16.41
C7 NAG F . 0.34 -14.38 -17.55
C8 NAG F . 0.26 -15.82 -17.98
N2 NAG F . 1.54 -13.83 -17.55
O3 NAG F . 1.86 -11.98 -19.69
O4 NAG F . 3.83 -10.02 -19.16
O5 NAG F . 2.56 -10.75 -15.82
O6 NAG F . 2.62 -8.02 -16.39
O7 NAG F . -0.67 -13.74 -17.21
C1 NAG F . 3.40 -8.90 -19.94
C2 NAG F . 4.65 -8.32 -20.59
C3 NAG F . 4.29 -7.15 -21.49
C4 NAG F . 3.18 -7.51 -22.46
C5 NAG F . 2.00 -8.16 -21.72
C6 NAG F . 0.94 -8.71 -22.65
C7 NAG F . 6.82 -8.36 -19.44
C8 NAG F . 7.76 -7.55 -18.60
N2 NAG F . 5.59 -7.86 -19.57
O3 NAG F . 5.42 -6.69 -22.19
O4 NAG F . 2.78 -6.31 -23.10
O5 NAG F . 2.44 -9.24 -20.91
O6 NAG F . 1.51 -9.72 -23.45
O7 NAG F . 7.18 -9.43 -19.95
C1 BMA F . 2.63 -6.45 -24.52
C2 BMA F . 1.59 -5.43 -24.98
C3 BMA F . 1.32 -5.61 -26.46
C4 BMA F . 2.63 -5.55 -27.23
C5 BMA F . 3.65 -6.52 -26.63
C6 BMA F . 5.00 -6.34 -27.32
O2 BMA F . 2.09 -4.13 -24.74
O3 BMA F . 0.41 -4.62 -26.91
O4 BMA F . 2.37 -5.92 -28.57
O5 BMA F . 3.82 -6.27 -25.25
O6 BMA F . 5.85 -7.41 -26.97
C1 MAN F . -0.60 -5.21 -27.75
C2 MAN F . -1.40 -4.09 -28.40
C3 MAN F . -2.28 -3.38 -27.38
C4 MAN F . -3.12 -4.38 -26.61
C5 MAN F . -2.20 -5.43 -26.00
C6 MAN F . -2.95 -6.49 -25.20
O2 MAN F . -2.20 -4.59 -29.46
O3 MAN F . -3.12 -2.45 -28.02
O4 MAN F . -3.81 -3.72 -25.58
O5 MAN F . -1.49 -6.08 -27.06
O6 MAN F . -2.00 -7.36 -24.61
CA CA G . -8.98 16.62 -25.70
C1 FSI H . -13.12 16.94 -15.20
F1 FSI H . -14.09 18.41 -13.10
C2 FSI H . -12.34 18.02 -14.60
C3 FSI H . -12.72 18.32 -13.18
C4 FSI H . -12.21 19.60 -12.69
O4 FSI H . -12.71 19.86 -11.36
C5 FSI H . -12.55 20.75 -13.58
N5 FSI H . -11.82 21.89 -13.04
C6 FSI H . -12.09 20.44 -14.99
O6 FSI H . -12.66 19.23 -15.44
C7 FSI H . -12.46 21.47 -15.98
O7 FSI H . -13.80 21.53 -16.14
C8 FSI H . -11.96 21.09 -17.36
O8 FSI H . -10.57 20.92 -17.31
C9 FSI H . -12.31 22.16 -18.40
O9 FSI H . -11.76 23.42 -18.13
C10 FSI H . -12.48 23.09 -12.63
O10 FSI H . -13.66 23.21 -12.73
C11 FSI H . -11.65 24.18 -12.08
O1A FSI H . -13.35 16.93 -16.45
O1B FSI H . -13.55 15.99 -14.49
CA CA I . 0.33 -29.42 8.51
C1 FSI J . -5.18 -19.70 6.85
F1 FSI J . -5.92 -17.67 5.14
C2 FSI J . -4.19 -18.91 6.12
C3 FSI J . -4.67 -17.56 5.71
C4 FSI J . -3.83 -16.92 4.69
O4 FSI J . -4.39 -15.66 4.27
C5 FSI J . -3.62 -17.78 3.48
N5 FSI J . -2.67 -17.10 2.65
C6 FSI J . -3.06 -19.11 3.92
O6 FSI J . -3.92 -19.71 4.88
C7 FSI J . -2.89 -20.06 2.81
O7 FSI J . -4.09 -20.38 2.28
C8 FSI J . -2.34 -21.39 3.31
O8 FSI J . -1.13 -21.15 3.96
C9 FSI J . -2.14 -22.39 2.18
O9 FSI J . -1.17 -22.03 1.23
C10 FSI J . -2.94 -16.67 1.31
O10 FSI J . -4.01 -16.87 0.82
C11 FSI J . -1.89 -15.96 0.58
O1A FSI J . -5.15 -20.98 6.78
O1B FSI J . -6.03 -19.16 7.57
#